data_1G99
#
_entry.id   1G99
#
_cell.length_a   181.3
_cell.length_b   67.4
_cell.length_c   82.6
_cell.angle_alpha   90.0
_cell.angle_beta   102.9
_cell.angle_gamma   90.0
#
_symmetry.space_group_name_H-M   'C 1 2 1'
#
loop_
_entity.id
_entity.type
_entity.pdbx_description
1 polymer 'ACETATE KINASE'
2 non-polymer 'SULFATE ION'
3 non-polymer "ADENOSINE-5'-DIPHOSPHATE"
4 water water
#
_entity_poly.entity_id   1
_entity_poly.type   'polypeptide(L)'
_entity_poly.pdbx_seq_one_letter_code
;MKVLVINAGSSSLKYQLIDMTNESALAVGLCERIGIDNSIITQKKFDGKKLEKLTDLPTHKDALEEVVKALTDDEFGVIK
DMGEINAVGHRVVHGGEKFTTSALYDEGVEKAIKDCFELAPLHNPPNMMGISACAEIMPGTPMVIVFDTAFHQTMPPYAY
MYALPYDLYEKHGVRKYGFHGTSHKYVAERAALMLGKPAEETKIITCHLGNGSSITAVEGGKSVETSMGFTPLEGLAMGT
RCGSIDPAIVPFLMEKEGLTTREIDTLMNKKSGVLGVSGLSNDFRDLDEAASKGNRKAELALEIFAYKVKKFIGEYSAVL
NGADAVVFTAGIGENSASIRKRILTGLDGIGIKIDDEKNKIRGQEIDISTPDAKVRVFVIPTNEELAIARETKEIVETEV
KLRSSIPV
;
_entity_poly.pdbx_strand_id   A,B
#
# COMPACT_ATOMS: atom_id res chain seq x y z
N MET A 1 -36.72 10.24 -24.83
CA MET A 1 -35.92 9.05 -25.18
C MET A 1 -35.79 8.13 -23.96
N LYS A 2 -35.94 6.84 -24.20
CA LYS A 2 -35.83 5.85 -23.14
C LYS A 2 -34.57 5.02 -23.34
N VAL A 3 -33.75 4.99 -22.30
CA VAL A 3 -32.50 4.26 -22.33
C VAL A 3 -32.49 3.06 -21.36
N LEU A 4 -32.05 1.91 -21.88
CA LEU A 4 -31.91 0.71 -21.09
C LEU A 4 -30.41 0.66 -20.72
N VAL A 5 -30.14 0.55 -19.42
CA VAL A 5 -28.79 0.50 -18.91
C VAL A 5 -28.58 -0.90 -18.41
N ILE A 6 -27.49 -1.52 -18.85
CA ILE A 6 -27.14 -2.90 -18.51
C ILE A 6 -25.80 -2.99 -17.76
N ASN A 7 -25.74 -3.85 -16.74
CA ASN A 7 -24.52 -4.07 -15.97
C ASN A 7 -24.49 -5.58 -15.74
N ALA A 8 -23.63 -6.26 -16.48
CA ALA A 8 -23.57 -7.70 -16.41
C ALA A 8 -22.42 -8.26 -15.61
N GLY A 9 -22.73 -9.26 -14.80
CA GLY A 9 -21.76 -9.94 -13.99
C GLY A 9 -21.71 -11.38 -14.47
N SER A 10 -20.84 -12.19 -13.86
CA SER A 10 -20.69 -13.60 -14.23
C SER A 10 -22.01 -14.35 -14.30
N SER A 11 -22.83 -14.19 -13.28
CA SER A 11 -24.09 -14.91 -13.25
C SER A 11 -25.29 -14.03 -12.95
N SER A 12 -25.11 -12.74 -13.12
CA SER A 12 -26.18 -11.78 -12.86
C SER A 12 -26.28 -10.73 -13.95
N LEU A 13 -27.32 -9.91 -13.87
CA LEU A 13 -27.54 -8.86 -14.84
C LEU A 13 -28.51 -7.84 -14.27
N LYS A 14 -28.00 -6.66 -13.99
CA LYS A 14 -28.83 -5.57 -13.47
C LYS A 14 -29.22 -4.66 -14.62
N TYR A 15 -30.44 -4.14 -14.56
CA TYR A 15 -30.89 -3.22 -15.61
C TYR A 15 -31.81 -2.15 -15.08
N GLN A 16 -31.91 -1.06 -15.85
CA GLN A 16 -32.78 0.04 -15.51
C GLN A 16 -33.25 0.62 -16.82
N LEU A 17 -34.52 0.99 -16.88
CA LEU A 17 -35.05 1.62 -18.06
C LEU A 17 -35.31 3.03 -17.55
N ILE A 18 -34.65 4.00 -18.16
CA ILE A 18 -34.78 5.37 -17.74
C ILE A 18 -35.32 6.27 -18.84
N ASP A 19 -36.33 7.07 -18.48
CA ASP A 19 -36.92 8.02 -19.39
C ASP A 19 -36.05 9.28 -19.28
N MET A 20 -35.38 9.67 -20.36
CA MET A 20 -34.51 10.84 -20.32
C MET A 20 -35.25 12.18 -20.38
N THR A 21 -36.56 12.15 -20.63
CA THR A 21 -37.35 13.37 -20.65
C THR A 21 -37.31 14.04 -19.28
N ASN A 22 -37.28 13.26 -18.21
CA ASN A 22 -37.26 13.81 -16.85
C ASN A 22 -36.29 13.04 -15.97
N GLU A 23 -35.56 12.13 -16.59
CA GLU A 23 -34.59 11.28 -15.90
C GLU A 23 -35.20 10.41 -14.81
N SER A 24 -36.37 9.87 -15.09
CA SER A 24 -37.05 9.01 -14.16
C SER A 24 -36.77 7.51 -14.44
N ALA A 25 -36.50 6.74 -13.39
CA ALA A 25 -36.24 5.33 -13.55
C ALA A 25 -37.60 4.66 -13.58
N LEU A 26 -38.05 4.25 -14.76
CA LEU A 26 -39.35 3.61 -14.90
C LEU A 26 -39.39 2.22 -14.29
N ALA A 27 -38.31 1.46 -14.49
CA ALA A 27 -38.28 0.12 -13.95
C ALA A 27 -36.85 -0.26 -13.63
N VAL A 28 -36.67 -1.01 -12.55
CA VAL A 28 -35.35 -1.44 -12.10
C VAL A 28 -35.40 -2.94 -11.91
N GLY A 29 -34.38 -3.67 -12.39
CA GLY A 29 -34.44 -5.12 -12.25
C GLY A 29 -33.14 -5.86 -12.04
N LEU A 30 -33.25 -7.17 -11.82
CA LEU A 30 -32.09 -7.98 -11.58
C LEU A 30 -32.33 -9.43 -11.97
N CYS A 31 -31.43 -10.01 -12.76
CA CYS A 31 -31.52 -11.41 -13.13
C CYS A 31 -30.38 -12.06 -12.34
N GLU A 32 -30.66 -13.12 -11.58
CA GLU A 32 -29.63 -13.79 -10.82
C GLU A 32 -29.59 -15.27 -11.16
N ARG A 33 -28.50 -15.91 -10.76
CA ARG A 33 -28.31 -17.34 -10.97
C ARG A 33 -28.37 -17.75 -12.43
N ILE A 34 -27.84 -16.90 -13.32
CA ILE A 34 -27.80 -17.20 -14.74
C ILE A 34 -26.78 -18.33 -14.92
N GLY A 35 -27.13 -19.31 -15.76
CA GLY A 35 -26.21 -20.41 -15.99
C GLY A 35 -26.20 -21.39 -14.83
N ILE A 36 -27.07 -21.16 -13.87
CA ILE A 36 -27.19 -22.04 -12.71
C ILE A 36 -28.65 -22.49 -12.68
N ASP A 37 -29.02 -23.19 -11.60
CA ASP A 37 -30.38 -23.69 -11.43
C ASP A 37 -31.16 -22.68 -10.61
N ASN A 38 -32.47 -22.66 -10.79
CA ASN A 38 -33.32 -21.76 -10.03
C ASN A 38 -33.02 -20.31 -10.36
N SER A 39 -32.97 -20.04 -11.66
CA SER A 39 -32.70 -18.69 -12.12
C SER A 39 -33.90 -17.84 -11.71
N ILE A 40 -33.68 -16.53 -11.60
CA ILE A 40 -34.75 -15.65 -11.21
C ILE A 40 -34.57 -14.23 -11.72
N ILE A 41 -35.67 -13.62 -12.16
CA ILE A 41 -35.62 -12.24 -12.56
C ILE A 41 -36.61 -11.51 -11.67
N THR A 42 -36.21 -10.37 -11.13
CA THR A 42 -37.05 -9.56 -10.26
C THR A 42 -37.08 -8.16 -10.86
N GLN A 43 -38.26 -7.55 -10.93
CA GLN A 43 -38.41 -6.20 -11.49
C GLN A 43 -39.29 -5.34 -10.59
N LYS A 44 -38.92 -4.09 -10.44
CA LYS A 44 -39.65 -3.13 -9.63
C LYS A 44 -40.07 -1.99 -10.55
N LYS A 45 -41.35 -1.73 -10.60
CA LYS A 45 -41.84 -0.67 -11.44
C LYS A 45 -41.91 0.58 -10.56
N PHE A 46 -41.84 1.76 -11.16
CA PHE A 46 -41.86 3.02 -10.43
C PHE A 46 -43.00 3.20 -9.43
N ASP A 47 -44.16 2.60 -9.71
CA ASP A 47 -45.32 2.73 -8.83
C ASP A 47 -45.33 1.71 -7.73
N GLY A 48 -44.20 1.02 -7.52
CA GLY A 48 -44.08 0.01 -6.47
C GLY A 48 -44.41 -1.45 -6.80
N LYS A 49 -44.95 -1.70 -7.98
CA LYS A 49 -45.31 -3.07 -8.36
C LYS A 49 -44.08 -3.90 -8.55
N LYS A 50 -44.07 -5.09 -7.98
CA LYS A 50 -42.92 -5.94 -8.10
C LYS A 50 -43.27 -7.25 -8.80
N LEU A 51 -42.45 -7.62 -9.77
CA LEU A 51 -42.63 -8.85 -10.51
C LEU A 51 -41.46 -9.79 -10.24
N GLU A 52 -41.76 -11.08 -10.11
CA GLU A 52 -40.72 -12.08 -9.90
C GLU A 52 -41.09 -13.28 -10.71
N LYS A 53 -40.12 -13.82 -11.42
CA LYS A 53 -40.36 -14.97 -12.24
C LYS A 53 -39.27 -15.99 -12.04
N LEU A 54 -39.65 -17.23 -11.70
CA LEU A 54 -38.68 -18.30 -11.52
C LEU A 54 -38.68 -19.01 -12.85
N THR A 55 -37.60 -18.90 -13.59
CA THR A 55 -37.49 -19.55 -14.87
C THR A 55 -36.02 -19.83 -15.12
N ASP A 56 -35.75 -20.77 -16.01
CA ASP A 56 -34.37 -21.10 -16.30
C ASP A 56 -33.68 -20.10 -17.25
N LEU A 57 -32.55 -19.55 -16.81
CA LEU A 57 -31.78 -18.60 -17.59
C LEU A 57 -30.37 -19.19 -17.82
N PRO A 58 -30.21 -20.02 -18.86
CA PRO A 58 -28.93 -20.67 -19.21
C PRO A 58 -27.80 -19.71 -19.56
N THR A 59 -28.11 -18.68 -20.33
CA THR A 59 -27.12 -17.69 -20.75
C THR A 59 -27.66 -16.26 -20.62
N HIS A 60 -26.74 -15.28 -20.70
CA HIS A 60 -27.13 -13.87 -20.64
C HIS A 60 -28.12 -13.53 -21.75
N LYS A 61 -28.08 -14.26 -22.86
CA LYS A 61 -29.00 -13.97 -23.93
C LYS A 61 -30.45 -14.32 -23.50
N ASP A 62 -30.59 -15.40 -22.75
CA ASP A 62 -31.90 -15.83 -22.28
C ASP A 62 -32.42 -14.81 -21.27
N ALA A 63 -31.54 -14.40 -20.36
CA ALA A 63 -31.89 -13.42 -19.34
C ALA A 63 -32.38 -12.12 -19.99
N LEU A 64 -31.66 -11.65 -21.00
CA LEU A 64 -32.02 -10.41 -21.67
C LEU A 64 -33.37 -10.53 -22.38
N GLU A 65 -33.66 -11.72 -22.87
CA GLU A 65 -34.94 -11.97 -23.53
C GLU A 65 -36.05 -11.83 -22.48
N GLU A 66 -35.81 -12.35 -21.28
CA GLU A 66 -36.78 -12.25 -20.19
C GLU A 66 -36.93 -10.80 -19.73
N VAL A 67 -35.80 -10.09 -19.66
CA VAL A 67 -35.82 -8.67 -19.28
C VAL A 67 -36.79 -7.91 -20.19
N VAL A 68 -36.71 -8.17 -21.50
CA VAL A 68 -37.60 -7.52 -22.46
C VAL A 68 -39.06 -7.92 -22.22
N LYS A 69 -39.29 -9.19 -21.91
CA LYS A 69 -40.66 -9.62 -21.64
C LYS A 69 -41.19 -8.93 -20.37
N ALA A 70 -40.36 -8.80 -19.34
CA ALA A 70 -40.77 -8.14 -18.09
C ALA A 70 -41.01 -6.63 -18.29
N LEU A 71 -40.25 -6.00 -19.17
CA LEU A 71 -40.42 -4.57 -19.41
C LEU A 71 -41.70 -4.29 -20.23
N THR A 72 -42.15 -5.28 -20.98
CA THR A 72 -43.35 -5.11 -21.80
C THR A 72 -44.60 -5.73 -21.19
N ASP A 73 -44.49 -6.29 -19.99
CA ASP A 73 -45.66 -6.88 -19.34
C ASP A 73 -46.79 -5.83 -19.25
N ASP A 74 -48.02 -6.24 -19.58
CA ASP A 74 -49.18 -5.33 -19.56
C ASP A 74 -49.34 -4.53 -18.28
N GLU A 75 -49.28 -5.21 -17.15
CA GLU A 75 -49.47 -4.54 -15.87
C GLU A 75 -48.21 -4.22 -15.09
N PHE A 76 -47.22 -5.11 -15.11
CA PHE A 76 -46.02 -4.85 -14.36
C PHE A 76 -44.88 -4.24 -15.17
N GLY A 77 -45.11 -4.08 -16.47
CA GLY A 77 -44.12 -3.49 -17.36
C GLY A 77 -44.30 -1.98 -17.50
N VAL A 78 -43.49 -1.36 -18.37
CA VAL A 78 -43.54 0.08 -18.57
C VAL A 78 -43.52 0.54 -20.03
N ILE A 79 -43.44 -0.38 -20.97
CA ILE A 79 -43.43 -0.02 -22.40
C ILE A 79 -44.25 -1.06 -23.15
N LYS A 80 -44.76 -0.69 -24.33
CA LYS A 80 -45.59 -1.59 -25.12
C LYS A 80 -44.75 -2.60 -25.92
N ASP A 81 -43.68 -2.14 -26.55
CA ASP A 81 -42.84 -3.07 -27.29
C ASP A 81 -41.36 -2.70 -27.25
N MET A 82 -40.53 -3.66 -27.61
CA MET A 82 -39.09 -3.51 -27.63
C MET A 82 -38.64 -2.22 -28.35
N GLY A 83 -39.39 -1.82 -29.37
CA GLY A 83 -39.06 -0.62 -30.12
C GLY A 83 -39.08 0.66 -29.31
N GLU A 84 -39.60 0.62 -28.10
CA GLU A 84 -39.62 1.85 -27.32
C GLU A 84 -38.27 2.10 -26.64
N ILE A 85 -37.40 1.09 -26.65
CA ILE A 85 -36.07 1.24 -26.09
C ILE A 85 -35.26 1.92 -27.21
N ASN A 86 -34.91 3.18 -27.04
CA ASN A 86 -34.16 3.92 -28.06
C ASN A 86 -32.67 3.63 -28.08
N ALA A 87 -32.10 3.27 -26.94
CA ALA A 87 -30.69 2.97 -26.89
C ALA A 87 -30.38 2.12 -25.67
N VAL A 88 -29.20 1.50 -25.70
CA VAL A 88 -28.74 0.68 -24.60
C VAL A 88 -27.37 1.19 -24.18
N GLY A 89 -27.18 1.34 -22.87
CA GLY A 89 -25.91 1.79 -22.36
C GLY A 89 -25.38 0.62 -21.54
N HIS A 90 -24.11 0.28 -21.78
CA HIS A 90 -23.47 -0.86 -21.10
C HIS A 90 -22.33 -0.46 -20.20
N ARG A 91 -22.22 -1.11 -19.06
CA ARG A 91 -21.10 -0.84 -18.17
C ARG A 91 -19.97 -1.77 -18.62
N VAL A 92 -18.81 -1.19 -18.88
CA VAL A 92 -17.65 -2.02 -19.24
C VAL A 92 -16.51 -1.52 -18.41
N VAL A 93 -15.86 -2.46 -17.74
CA VAL A 93 -14.77 -2.10 -16.85
C VAL A 93 -13.48 -1.62 -17.48
N HIS A 94 -12.91 -2.39 -18.41
CA HIS A 94 -11.63 -1.97 -18.99
C HIS A 94 -11.66 -1.80 -20.50
N GLY A 95 -11.23 -0.63 -20.96
CA GLY A 95 -11.18 -0.41 -22.39
C GLY A 95 -9.73 -0.25 -22.82
N GLY A 96 -8.79 -0.37 -21.87
CA GLY A 96 -7.37 -0.22 -22.15
C GLY A 96 -6.90 1.18 -22.53
N GLU A 97 -5.77 1.27 -23.22
CA GLU A 97 -5.24 2.56 -23.62
C GLU A 97 -6.07 3.27 -24.70
N LYS A 98 -6.57 2.51 -25.67
CA LYS A 98 -7.35 3.06 -26.77
C LYS A 98 -8.72 3.65 -26.44
N PHE A 99 -9.42 3.08 -25.46
CA PHE A 99 -10.75 3.57 -25.13
C PHE A 99 -10.91 4.01 -23.69
N THR A 100 -10.95 5.32 -23.51
CA THR A 100 -11.09 5.90 -22.18
C THR A 100 -12.13 7.01 -22.11
N THR A 101 -13.17 6.89 -22.94
CA THR A 101 -14.28 7.84 -22.96
C THR A 101 -15.40 7.02 -23.54
N SER A 102 -16.64 7.47 -23.38
CA SER A 102 -17.79 6.72 -23.88
C SER A 102 -17.78 6.58 -25.40
N ALA A 103 -18.25 5.45 -25.90
CA ALA A 103 -18.23 5.23 -27.33
C ALA A 103 -19.38 4.43 -27.84
N LEU A 104 -19.81 4.83 -29.03
CA LEU A 104 -20.87 4.14 -29.73
C LEU A 104 -20.22 2.77 -30.03
N TYR A 105 -20.93 1.68 -29.79
CA TYR A 105 -20.37 0.37 -30.03
C TYR A 105 -20.10 0.10 -31.51
N ASP A 106 -18.92 -0.44 -31.83
CA ASP A 106 -18.56 -0.86 -33.20
C ASP A 106 -17.49 -1.96 -33.15
N GLU A 107 -17.00 -2.41 -34.32
CA GLU A 107 -16.00 -3.48 -34.39
C GLU A 107 -14.73 -3.20 -33.58
N GLY A 108 -14.28 -1.95 -33.57
CA GLY A 108 -13.09 -1.60 -32.82
C GLY A 108 -13.25 -1.66 -31.33
N VAL A 109 -14.41 -1.21 -30.82
CA VAL A 109 -14.66 -1.23 -29.39
C VAL A 109 -14.66 -2.68 -28.94
N GLU A 110 -15.29 -3.52 -29.75
CA GLU A 110 -15.36 -4.94 -29.41
C GLU A 110 -13.99 -5.55 -29.24
N LYS A 111 -13.08 -5.16 -30.14
CA LYS A 111 -11.73 -5.67 -30.15
C LYS A 111 -11.00 -5.24 -28.91
N ALA A 112 -11.12 -3.95 -28.57
CA ALA A 112 -10.46 -3.45 -27.38
C ALA A 112 -10.98 -4.16 -26.14
N ILE A 113 -12.29 -4.38 -26.06
CA ILE A 113 -12.83 -5.04 -24.88
C ILE A 113 -12.27 -6.47 -24.75
N LYS A 114 -12.21 -7.23 -25.86
CA LYS A 114 -11.68 -8.60 -25.79
C LYS A 114 -10.18 -8.64 -25.51
N ASP A 115 -9.46 -7.64 -26.00
CA ASP A 115 -8.02 -7.58 -25.76
C ASP A 115 -7.73 -7.29 -24.28
N CYS A 116 -8.67 -6.66 -23.58
CA CYS A 116 -8.44 -6.37 -22.17
C CYS A 116 -8.98 -7.42 -21.22
N PHE A 117 -9.40 -8.56 -21.74
CA PHE A 117 -9.93 -9.63 -20.89
C PHE A 117 -8.94 -9.99 -19.78
N GLU A 118 -7.66 -10.00 -20.12
CA GLU A 118 -6.63 -10.37 -19.14
C GLU A 118 -6.36 -9.25 -18.11
N LEU A 119 -6.82 -8.04 -18.42
CA LEU A 119 -6.63 -6.87 -17.56
C LEU A 119 -7.75 -6.66 -16.57
N ALA A 120 -8.87 -7.33 -16.80
CA ALA A 120 -10.05 -7.25 -15.94
C ALA A 120 -10.78 -8.59 -16.05
N PRO A 121 -10.09 -9.68 -15.70
CA PRO A 121 -10.60 -11.06 -15.76
C PRO A 121 -11.93 -11.31 -15.09
N LEU A 122 -12.26 -10.58 -14.03
CA LEU A 122 -13.54 -10.82 -13.37
C LEU A 122 -14.67 -10.04 -14.02
N HIS A 123 -14.33 -9.05 -14.83
CA HIS A 123 -15.34 -8.19 -15.40
C HIS A 123 -15.59 -8.11 -16.89
N ASN A 124 -14.53 -7.92 -17.68
CA ASN A 124 -14.66 -7.79 -19.12
C ASN A 124 -15.37 -8.97 -19.78
N PRO A 125 -15.04 -10.20 -19.38
CA PRO A 125 -15.77 -11.30 -20.05
C PRO A 125 -17.32 -11.16 -19.89
N PRO A 126 -17.83 -11.05 -18.64
CA PRO A 126 -19.28 -10.90 -18.49
C PRO A 126 -19.83 -9.64 -19.16
N ASN A 127 -19.08 -8.52 -19.13
CA ASN A 127 -19.57 -7.29 -19.77
C ASN A 127 -19.77 -7.57 -21.26
N MET A 128 -18.81 -8.29 -21.85
CA MET A 128 -18.86 -8.66 -23.24
C MET A 128 -20.07 -9.55 -23.49
N MET A 129 -20.33 -10.49 -22.57
CA MET A 129 -21.47 -11.39 -22.74
C MET A 129 -22.78 -10.61 -22.81
N GLY A 130 -22.89 -9.56 -22.01
CA GLY A 130 -24.08 -8.75 -22.01
C GLY A 130 -24.20 -7.92 -23.29
N ILE A 131 -23.06 -7.48 -23.84
CA ILE A 131 -23.06 -6.70 -25.09
C ILE A 131 -23.47 -7.64 -26.25
N SER A 132 -22.93 -8.85 -26.28
CA SER A 132 -23.28 -9.80 -27.34
C SER A 132 -24.72 -10.19 -27.21
N ALA A 133 -25.19 -10.37 -25.97
CA ALA A 133 -26.57 -10.76 -25.80
C ALA A 133 -27.43 -9.65 -26.36
N CYS A 134 -27.03 -8.42 -26.13
CA CYS A 134 -27.80 -7.30 -26.61
C CYS A 134 -27.80 -7.19 -28.13
N ALA A 135 -26.67 -7.51 -28.77
CA ALA A 135 -26.56 -7.44 -30.22
C ALA A 135 -27.48 -8.47 -30.88
N GLU A 136 -27.66 -9.63 -30.26
CA GLU A 136 -28.54 -10.66 -30.82
C GLU A 136 -30.03 -10.36 -30.60
N ILE A 137 -30.38 -9.95 -29.40
CA ILE A 137 -31.75 -9.64 -29.07
C ILE A 137 -32.28 -8.38 -29.78
N MET A 138 -31.51 -7.31 -29.79
CA MET A 138 -31.94 -6.07 -30.44
C MET A 138 -30.87 -5.49 -31.37
N PRO A 139 -30.65 -6.17 -32.51
CA PRO A 139 -29.68 -5.84 -33.56
C PRO A 139 -29.77 -4.42 -34.05
N GLY A 140 -30.99 -3.89 -34.09
CA GLY A 140 -31.19 -2.55 -34.60
C GLY A 140 -31.10 -1.41 -33.63
N THR A 141 -30.87 -1.71 -32.35
CA THR A 141 -30.80 -0.64 -31.36
C THR A 141 -29.38 -0.16 -31.07
N PRO A 142 -29.16 1.17 -31.09
CA PRO A 142 -27.83 1.75 -30.82
C PRO A 142 -27.35 1.34 -29.41
N MET A 143 -26.08 0.98 -29.31
CA MET A 143 -25.49 0.60 -28.05
C MET A 143 -24.31 1.52 -27.77
N VAL A 144 -24.23 2.03 -26.55
CA VAL A 144 -23.13 2.90 -26.17
C VAL A 144 -22.33 2.27 -25.03
N ILE A 145 -21.00 2.25 -25.18
CA ILE A 145 -20.14 1.70 -24.13
C ILE A 145 -19.59 2.84 -23.27
N VAL A 146 -19.76 2.67 -21.95
CA VAL A 146 -19.30 3.63 -20.93
C VAL A 146 -18.28 2.93 -19.99
N PHE A 147 -17.01 3.33 -20.06
CA PHE A 147 -15.90 2.72 -19.31
C PHE A 147 -15.68 3.23 -17.90
N ASP A 148 -15.33 2.29 -17.03
CA ASP A 148 -15.06 2.55 -15.61
C ASP A 148 -13.84 3.43 -15.45
N THR A 149 -13.02 3.50 -16.50
CA THR A 149 -11.74 4.21 -16.44
C THR A 149 -11.71 5.70 -16.80
N ALA A 150 -12.70 6.17 -17.56
CA ALA A 150 -12.75 7.56 -18.02
C ALA A 150 -12.52 8.66 -17.03
N PHE A 151 -13.24 8.59 -15.90
CA PHE A 151 -13.15 9.62 -14.88
C PHE A 151 -11.75 9.85 -14.31
N HIS A 152 -10.90 8.82 -14.34
CA HIS A 152 -9.56 8.93 -13.75
C HIS A 152 -8.48 9.40 -14.69
N GLN A 153 -8.86 9.70 -15.92
CA GLN A 153 -7.89 10.15 -16.90
C GLN A 153 -7.25 11.52 -16.62
N THR A 154 -7.76 12.23 -15.60
CA THR A 154 -7.21 13.51 -15.19
C THR A 154 -6.07 13.31 -14.20
N MET A 155 -5.76 12.09 -13.81
CA MET A 155 -4.65 11.86 -12.84
C MET A 155 -3.32 12.34 -13.39
N PRO A 156 -2.50 12.99 -12.55
CA PRO A 156 -1.20 13.47 -13.04
C PRO A 156 -0.23 12.29 -13.19
N PRO A 157 0.84 12.46 -13.98
CA PRO A 157 1.83 11.39 -14.21
C PRO A 157 2.50 10.85 -12.96
N TYR A 158 2.76 11.70 -11.98
CA TYR A 158 3.43 11.19 -10.79
C TYR A 158 2.50 10.30 -9.95
N ALA A 159 1.21 10.23 -10.32
CA ALA A 159 0.28 9.40 -9.61
C ALA A 159 0.03 8.13 -10.41
N TYR A 160 -0.13 8.26 -11.73
CA TYR A 160 -0.43 7.07 -12.52
C TYR A 160 0.72 6.20 -12.99
N MET A 161 1.95 6.70 -12.91
CA MET A 161 3.13 5.93 -13.33
C MET A 161 3.57 5.05 -12.17
N TYR A 162 4.01 3.82 -12.45
CA TYR A 162 4.56 2.96 -11.42
C TYR A 162 6.08 3.17 -11.46
N ALA A 163 6.77 2.92 -10.35
CA ALA A 163 8.21 3.08 -10.33
C ALA A 163 8.87 1.80 -10.91
N LEU A 164 8.55 1.54 -12.17
CA LEU A 164 9.07 0.39 -12.91
C LEU A 164 9.89 0.94 -14.07
N PRO A 165 10.61 0.07 -14.80
CA PRO A 165 11.42 0.55 -15.94
C PRO A 165 10.48 1.28 -16.87
N TYR A 166 10.85 2.50 -17.26
CA TYR A 166 10.00 3.34 -18.12
C TYR A 166 9.50 2.69 -19.43
N ASP A 167 10.34 1.88 -20.07
CA ASP A 167 9.94 1.24 -21.32
C ASP A 167 8.69 0.36 -21.20
N LEU A 168 8.44 -0.22 -20.02
CA LEU A 168 7.25 -1.06 -19.81
C LEU A 168 6.01 -0.21 -19.96
N TYR A 169 6.10 1.06 -19.56
CA TYR A 169 4.96 1.98 -19.69
C TYR A 169 4.76 2.22 -21.20
N GLU A 170 5.87 2.42 -21.91
CA GLU A 170 5.86 2.69 -23.35
C GLU A 170 5.48 1.51 -24.22
N LYS A 171 6.06 0.36 -23.91
CA LYS A 171 5.83 -0.86 -24.66
C LYS A 171 4.53 -1.62 -24.35
N HIS A 172 4.10 -1.64 -23.10
CA HIS A 172 2.88 -2.38 -22.74
C HIS A 172 1.76 -1.54 -22.15
N GLY A 173 1.95 -0.22 -22.07
CA GLY A 173 0.91 0.61 -21.51
C GLY A 173 0.66 0.41 -20.02
N VAL A 174 1.67 -0.07 -19.29
CA VAL A 174 1.52 -0.29 -17.85
C VAL A 174 1.48 1.05 -17.11
N ARG A 175 0.34 1.33 -16.49
CA ARG A 175 0.15 2.55 -15.71
C ARG A 175 -1.13 2.34 -14.93
N LYS A 176 -1.41 3.22 -13.99
CA LYS A 176 -2.64 3.10 -13.21
C LYS A 176 -3.82 3.66 -14.02
N TYR A 177 -4.91 2.90 -14.12
CA TYR A 177 -6.12 3.36 -14.81
C TYR A 177 -7.23 3.73 -13.82
N GLY A 178 -7.57 2.82 -12.90
CA GLY A 178 -8.63 3.10 -11.95
C GLY A 178 -9.98 2.68 -12.50
N PHE A 179 -10.91 2.31 -11.60
CA PHE A 179 -12.23 1.84 -12.02
C PHE A 179 -13.36 2.42 -11.16
N HIS A 180 -14.60 1.99 -11.42
CA HIS A 180 -15.76 2.53 -10.69
C HIS A 180 -15.87 4.01 -10.98
N GLY A 181 -15.26 4.47 -12.07
CA GLY A 181 -15.29 5.90 -12.39
C GLY A 181 -16.68 6.52 -12.38
N THR A 182 -17.63 5.82 -12.99
CA THR A 182 -18.99 6.32 -13.05
C THR A 182 -19.61 6.51 -11.65
N SER A 183 -19.31 5.61 -10.73
CA SER A 183 -19.85 5.73 -9.40
C SER A 183 -19.16 6.90 -8.67
N HIS A 184 -17.84 6.95 -8.74
CA HIS A 184 -17.10 8.00 -8.05
C HIS A 184 -17.51 9.38 -8.50
N LYS A 185 -17.68 9.53 -9.82
CA LYS A 185 -18.03 10.84 -10.36
C LYS A 185 -19.42 11.25 -9.87
N TYR A 186 -20.38 10.34 -9.94
CA TYR A 186 -21.74 10.66 -9.50
C TYR A 186 -21.84 11.09 -8.01
N VAL A 187 -21.28 10.28 -7.09
CA VAL A 187 -21.36 10.65 -5.69
C VAL A 187 -20.53 11.89 -5.37
N ALA A 188 -19.46 12.13 -6.14
CA ALA A 188 -18.66 13.34 -5.91
C ALA A 188 -19.55 14.55 -6.21
N GLU A 189 -20.36 14.45 -7.26
CA GLU A 189 -21.28 15.53 -7.65
C GLU A 189 -22.34 15.76 -6.57
N ARG A 190 -22.94 14.66 -6.08
CA ARG A 190 -23.95 14.76 -5.03
C ARG A 190 -23.33 15.34 -3.76
N ALA A 191 -22.09 14.97 -3.46
CA ALA A 191 -21.44 15.49 -2.26
C ALA A 191 -21.22 17.01 -2.34
N ALA A 192 -20.85 17.52 -3.52
CA ALA A 192 -20.63 18.96 -3.69
C ALA A 192 -21.95 19.69 -3.41
N LEU A 193 -23.06 19.15 -3.88
CA LEU A 193 -24.36 19.76 -3.63
C LEU A 193 -24.62 19.84 -2.13
N MET A 194 -24.37 18.73 -1.41
CA MET A 194 -24.60 18.67 0.03
C MET A 194 -23.70 19.61 0.82
N LEU A 195 -22.55 19.94 0.26
CA LEU A 195 -21.60 20.86 0.89
C LEU A 195 -22.05 22.30 0.56
N GLY A 196 -22.95 22.43 -0.42
CA GLY A 196 -23.45 23.73 -0.81
C GLY A 196 -22.37 24.61 -1.39
N LYS A 197 -21.47 24.00 -2.15
CA LYS A 197 -20.36 24.71 -2.77
C LYS A 197 -20.22 24.23 -4.21
N PRO A 198 -19.58 25.05 -5.07
CA PRO A 198 -19.39 24.65 -6.47
C PRO A 198 -18.34 23.56 -6.49
N ALA A 199 -18.63 22.49 -7.23
CA ALA A 199 -17.69 21.38 -7.29
C ALA A 199 -16.22 21.81 -7.33
N GLU A 200 -15.92 22.86 -8.10
CA GLU A 200 -14.56 23.35 -8.23
C GLU A 200 -13.89 23.74 -6.92
N GLU A 201 -14.69 24.09 -5.92
CA GLU A 201 -14.16 24.53 -4.64
C GLU A 201 -14.07 23.40 -3.60
N THR A 202 -14.38 22.17 -3.99
CA THR A 202 -14.40 21.07 -3.04
C THR A 202 -13.27 20.05 -3.14
N LYS A 203 -12.99 19.40 -2.01
CA LYS A 203 -11.99 18.34 -1.95
C LYS A 203 -12.72 17.19 -1.24
N ILE A 204 -13.00 16.13 -2.01
CA ILE A 204 -13.77 14.98 -1.54
C ILE A 204 -13.08 13.62 -1.72
N ILE A 205 -13.26 12.76 -0.73
CA ILE A 205 -12.72 11.40 -0.80
C ILE A 205 -13.94 10.52 -0.94
N THR A 206 -14.00 9.76 -2.05
CA THR A 206 -15.13 8.90 -2.31
C THR A 206 -14.75 7.43 -2.14
N CYS A 207 -15.56 6.72 -1.37
CA CYS A 207 -15.30 5.31 -1.07
C CYS A 207 -16.42 4.43 -1.62
N HIS A 208 -16.14 3.72 -2.70
CA HIS A 208 -17.11 2.81 -3.31
C HIS A 208 -16.77 1.43 -2.73
N LEU A 209 -17.54 1.03 -1.73
CA LEU A 209 -17.29 -0.24 -1.04
C LEU A 209 -18.35 -1.24 -1.43
N GLY A 210 -17.96 -2.19 -2.29
CA GLY A 210 -18.89 -3.24 -2.73
C GLY A 210 -18.13 -4.55 -2.88
N ASN A 211 -18.56 -5.45 -3.76
CA ASN A 211 -17.80 -6.70 -3.85
C ASN A 211 -16.41 -6.28 -4.28
N GLY A 212 -16.36 -5.25 -5.12
CA GLY A 212 -15.10 -4.67 -5.52
C GLY A 212 -15.04 -3.34 -4.73
N SER A 213 -13.86 -2.92 -4.29
CA SER A 213 -13.80 -1.67 -3.55
C SER A 213 -12.67 -0.77 -3.99
N SER A 214 -12.96 0.54 -4.07
CA SER A 214 -11.98 1.51 -4.46
C SER A 214 -12.28 2.88 -3.83
N ILE A 215 -11.23 3.65 -3.60
CA ILE A 215 -11.32 4.98 -3.04
C ILE A 215 -10.74 5.96 -4.10
N THR A 216 -11.31 7.15 -4.17
CA THR A 216 -10.79 8.14 -5.10
C THR A 216 -10.64 9.51 -4.42
N ALA A 217 -9.61 10.24 -4.78
CA ALA A 217 -9.39 11.58 -4.24
C ALA A 217 -9.88 12.52 -5.35
N VAL A 218 -10.94 13.27 -5.07
CA VAL A 218 -11.53 14.18 -6.05
C VAL A 218 -11.29 15.62 -5.66
N GLU A 219 -10.53 16.29 -6.50
CA GLU A 219 -10.18 17.68 -6.27
C GLU A 219 -10.84 18.58 -7.26
N GLY A 220 -11.75 19.41 -6.78
CA GLY A 220 -12.41 20.33 -7.67
C GLY A 220 -13.16 19.61 -8.78
N GLY A 221 -13.72 18.46 -8.46
CA GLY A 221 -14.49 17.76 -9.45
C GLY A 221 -13.73 16.78 -10.32
N LYS A 222 -12.41 16.78 -10.26
CA LYS A 222 -11.62 15.85 -11.07
C LYS A 222 -10.90 14.80 -10.24
N SER A 223 -10.83 13.57 -10.77
CA SER A 223 -10.13 12.48 -10.08
C SER A 223 -8.64 12.79 -10.19
N VAL A 224 -7.96 12.73 -9.06
CA VAL A 224 -6.56 13.07 -9.00
C VAL A 224 -5.69 11.88 -8.52
N GLU A 225 -6.33 10.86 -7.97
CA GLU A 225 -5.63 9.68 -7.45
C GLU A 225 -6.73 8.68 -7.11
N THR A 226 -6.48 7.40 -7.30
CA THR A 226 -7.49 6.36 -7.00
C THR A 226 -6.81 5.03 -6.56
N SER A 227 -7.52 4.18 -5.84
CA SER A 227 -6.88 2.97 -5.30
C SER A 227 -6.61 1.78 -6.23
N MET A 228 -7.50 1.50 -7.18
CA MET A 228 -7.25 0.41 -8.13
C MET A 228 -6.22 0.95 -9.16
N GLY A 229 -5.58 0.06 -9.92
CA GLY A 229 -4.55 0.55 -10.83
C GLY A 229 -4.62 0.05 -12.25
N PHE A 230 -3.58 -0.68 -12.65
CA PHE A 230 -3.50 -1.26 -13.99
C PHE A 230 -4.71 -2.15 -14.17
N THR A 231 -5.05 -2.90 -13.12
CA THR A 231 -6.23 -3.78 -13.12
C THR A 231 -7.05 -3.48 -11.85
N PRO A 232 -8.25 -4.08 -11.72
CA PRO A 232 -9.12 -3.87 -10.57
C PRO A 232 -8.64 -4.58 -9.30
N LEU A 233 -7.44 -5.15 -9.36
CA LEU A 233 -6.87 -5.84 -8.21
C LEU A 233 -6.16 -4.98 -7.17
N GLU A 234 -5.58 -3.86 -7.61
CA GLU A 234 -4.81 -2.99 -6.72
C GLU A 234 -5.58 -2.26 -5.63
N GLY A 235 -4.90 -1.99 -4.52
CA GLY A 235 -5.52 -1.24 -3.44
C GLY A 235 -6.04 -1.96 -2.22
N LEU A 236 -7.35 -1.83 -1.99
CA LEU A 236 -8.04 -2.41 -0.85
C LEU A 236 -8.22 -3.92 -0.92
N ALA A 237 -8.42 -4.53 0.25
CA ALA A 237 -8.72 -5.95 0.30
C ALA A 237 -10.21 -5.92 -0.07
N MET A 238 -10.68 -6.89 -0.86
CA MET A 238 -12.08 -6.89 -1.25
C MET A 238 -12.71 -8.24 -0.97
N GLY A 239 -13.84 -8.52 -1.62
CA GLY A 239 -14.53 -9.79 -1.41
C GLY A 239 -13.64 -10.98 -1.68
N THR A 240 -13.05 -11.03 -2.86
CA THR A 240 -12.20 -12.15 -3.19
C THR A 240 -10.82 -11.70 -3.68
N ARG A 241 -10.56 -10.39 -3.65
CA ARG A 241 -9.30 -9.81 -4.11
C ARG A 241 -8.40 -9.40 -2.96
N CYS A 242 -7.09 -9.66 -3.12
CA CYS A 242 -6.10 -9.40 -2.08
C CYS A 242 -5.67 -7.95 -1.97
N GLY A 243 -5.77 -7.19 -3.07
CA GLY A 243 -5.35 -5.80 -3.02
C GLY A 243 -3.84 -5.71 -3.08
N SER A 244 -3.31 -4.58 -2.64
CA SER A 244 -1.87 -4.33 -2.64
C SER A 244 -1.02 -5.08 -1.61
N ILE A 245 -0.42 -6.19 -2.00
CA ILE A 245 0.42 -6.97 -1.11
C ILE A 245 1.87 -6.73 -1.50
N ASP A 246 2.81 -7.30 -0.76
CA ASP A 246 4.21 -7.16 -1.15
C ASP A 246 4.29 -7.92 -2.50
N PRO A 247 4.68 -7.25 -3.60
CA PRO A 247 4.78 -7.90 -4.92
C PRO A 247 5.73 -9.09 -4.93
N ALA A 248 6.70 -9.12 -4.01
CA ALA A 248 7.64 -10.24 -3.95
C ALA A 248 6.95 -11.57 -3.59
N ILE A 249 5.77 -11.47 -2.95
CA ILE A 249 5.00 -12.66 -2.58
C ILE A 249 4.59 -13.44 -3.85
N VAL A 250 4.44 -12.77 -4.99
CA VAL A 250 4.03 -13.50 -6.18
C VAL A 250 5.09 -14.51 -6.64
N PRO A 251 6.33 -14.06 -6.94
CA PRO A 251 7.31 -15.07 -7.37
C PRO A 251 7.56 -16.13 -6.29
N PHE A 252 7.57 -15.69 -5.05
CA PHE A 252 7.77 -16.59 -3.92
C PHE A 252 6.73 -17.73 -3.89
N LEU A 253 5.46 -17.38 -4.00
CA LEU A 253 4.38 -18.34 -3.98
C LEU A 253 4.46 -19.27 -5.21
N MET A 254 4.77 -18.69 -6.36
CA MET A 254 4.86 -19.47 -7.59
C MET A 254 5.90 -20.58 -7.44
N GLU A 255 7.03 -20.27 -6.82
CA GLU A 255 8.06 -21.26 -6.61
C GLU A 255 7.73 -22.27 -5.52
N LYS A 256 7.26 -21.78 -4.37
CA LYS A 256 6.95 -22.71 -3.30
C LYS A 256 5.90 -23.72 -3.71
N GLU A 257 4.78 -23.23 -4.25
CA GLU A 257 3.65 -24.06 -4.64
C GLU A 257 3.64 -24.55 -6.10
N GLY A 258 4.63 -24.17 -6.91
CA GLY A 258 4.65 -24.58 -8.31
C GLY A 258 3.42 -24.11 -9.07
N LEU A 259 3.17 -22.80 -9.05
CA LEU A 259 2.01 -22.25 -9.72
C LEU A 259 2.36 -21.55 -11.01
N THR A 260 1.50 -21.65 -12.00
CA THR A 260 1.77 -20.95 -13.25
C THR A 260 1.25 -19.54 -13.06
N THR A 261 1.42 -18.70 -14.08
CA THR A 261 0.93 -17.32 -14.00
C THR A 261 -0.59 -17.26 -13.95
N ARG A 262 -1.25 -18.17 -14.65
CA ARG A 262 -2.70 -18.21 -14.65
C ARG A 262 -3.21 -18.56 -13.26
N GLU A 263 -2.59 -19.53 -12.61
CA GLU A 263 -3.04 -19.92 -11.28
C GLU A 263 -2.82 -18.83 -10.22
N ILE A 264 -1.71 -18.11 -10.31
CA ILE A 264 -1.45 -17.10 -9.30
C ILE A 264 -2.42 -15.93 -9.51
N ASP A 265 -2.81 -15.68 -10.76
CA ASP A 265 -3.76 -14.61 -11.02
C ASP A 265 -5.15 -14.95 -10.41
N THR A 266 -5.54 -16.20 -10.54
CA THR A 266 -6.80 -16.69 -10.01
C THR A 266 -6.76 -16.68 -8.48
N LEU A 267 -5.61 -17.06 -7.91
CA LEU A 267 -5.48 -17.07 -6.48
C LEU A 267 -5.71 -15.65 -5.91
N MET A 268 -5.05 -14.67 -6.52
CA MET A 268 -5.14 -13.30 -6.09
C MET A 268 -6.49 -12.65 -6.34
N ASN A 269 -7.19 -13.06 -7.39
CA ASN A 269 -8.48 -12.47 -7.73
C ASN A 269 -9.73 -13.18 -7.26
N LYS A 270 -9.62 -14.49 -7.09
CA LYS A 270 -10.76 -15.29 -6.71
C LYS A 270 -10.69 -16.02 -5.38
N LYS A 271 -9.52 -16.14 -4.79
CA LYS A 271 -9.44 -16.87 -3.56
C LYS A 271 -8.91 -16.06 -2.41
N SER A 272 -8.74 -14.77 -2.60
CA SER A 272 -8.19 -13.92 -1.57
C SER A 272 -9.22 -12.98 -0.93
N GLY A 273 -8.79 -11.80 -0.51
CA GLY A 273 -9.74 -10.86 0.10
C GLY A 273 -10.34 -11.41 1.39
N VAL A 274 -11.53 -10.94 1.79
CA VAL A 274 -12.11 -11.44 3.04
C VAL A 274 -12.49 -12.93 2.92
N LEU A 275 -12.66 -13.42 1.70
CA LEU A 275 -13.00 -14.84 1.50
C LEU A 275 -11.78 -15.68 1.91
N GLY A 276 -10.63 -15.31 1.40
CA GLY A 276 -9.41 -16.02 1.73
C GLY A 276 -9.01 -16.01 3.20
N VAL A 277 -9.21 -14.89 3.87
CA VAL A 277 -8.87 -14.77 5.28
C VAL A 277 -9.87 -15.50 6.17
N SER A 278 -11.16 -15.29 5.92
CA SER A 278 -12.21 -15.89 6.73
C SER A 278 -12.38 -17.37 6.51
N GLY A 279 -12.12 -17.84 5.29
CA GLY A 279 -12.32 -19.24 4.98
C GLY A 279 -13.81 -19.49 4.94
N LEU A 280 -14.59 -18.42 5.04
CA LEU A 280 -16.03 -18.54 5.09
C LEU A 280 -16.85 -18.00 3.91
N SER A 281 -16.71 -16.71 3.62
CA SER A 281 -17.51 -16.15 2.55
C SER A 281 -16.91 -14.86 2.02
N ASN A 282 -17.45 -14.40 0.88
CA ASN A 282 -17.02 -13.14 0.32
C ASN A 282 -18.17 -12.15 0.52
N ASP A 283 -19.18 -12.55 1.28
CA ASP A 283 -20.32 -11.68 1.54
C ASP A 283 -20.19 -11.01 2.89
N PHE A 284 -20.09 -9.70 2.88
CA PHE A 284 -19.90 -8.96 4.13
C PHE A 284 -21.01 -9.10 5.15
N ARG A 285 -22.23 -9.38 4.67
CA ARG A 285 -23.36 -9.59 5.58
C ARG A 285 -23.09 -10.85 6.37
N ASP A 286 -22.73 -11.93 5.66
CA ASP A 286 -22.43 -13.20 6.32
C ASP A 286 -21.28 -13.08 7.30
N LEU A 287 -20.22 -12.35 6.93
CA LEU A 287 -19.07 -12.22 7.82
C LEU A 287 -19.43 -11.46 9.09
N ASP A 288 -20.22 -10.41 8.92
CA ASP A 288 -20.64 -9.58 10.04
C ASP A 288 -21.38 -10.43 11.05
N GLU A 289 -22.30 -11.23 10.55
CA GLU A 289 -23.08 -12.09 11.40
C GLU A 289 -22.16 -13.12 12.06
N ALA A 290 -21.29 -13.74 11.27
CA ALA A 290 -20.36 -14.74 11.81
C ALA A 290 -19.43 -14.14 12.84
N ALA A 291 -18.96 -12.92 12.59
CA ALA A 291 -18.06 -12.28 13.53
C ALA A 291 -18.77 -12.10 14.88
N SER A 292 -20.00 -11.59 14.83
CA SER A 292 -20.75 -11.37 16.06
C SER A 292 -20.97 -12.67 16.84
N LYS A 293 -21.22 -13.78 16.16
CA LYS A 293 -21.42 -15.08 16.79
C LYS A 293 -20.09 -15.66 17.26
N GLY A 294 -19.03 -14.85 17.25
CA GLY A 294 -17.71 -15.32 17.70
C GLY A 294 -16.73 -15.99 16.75
N ASN A 295 -16.97 -15.93 15.44
CA ASN A 295 -16.06 -16.55 14.47
C ASN A 295 -14.84 -15.64 14.25
N ARG A 296 -13.70 -16.05 14.79
CA ARG A 296 -12.47 -15.27 14.75
C ARG A 296 -11.93 -14.92 13.35
N LYS A 297 -11.91 -15.88 12.45
CA LYS A 297 -11.43 -15.63 11.10
C LYS A 297 -12.30 -14.57 10.43
N ALA A 298 -13.61 -14.63 10.65
CA ALA A 298 -14.52 -13.66 10.07
C ALA A 298 -14.25 -12.28 10.68
N GLU A 299 -14.00 -12.25 11.98
CA GLU A 299 -13.73 -11.01 12.69
C GLU A 299 -12.42 -10.41 12.15
N LEU A 300 -11.37 -11.23 11.99
CA LEU A 300 -10.09 -10.75 11.47
C LEU A 300 -10.24 -10.19 10.05
N ALA A 301 -11.05 -10.85 9.23
CA ALA A 301 -11.26 -10.40 7.86
C ALA A 301 -11.91 -9.01 7.84
N LEU A 302 -12.92 -8.79 8.69
CA LEU A 302 -13.54 -7.47 8.74
C LEU A 302 -12.60 -6.41 9.30
N GLU A 303 -11.70 -6.78 10.22
CA GLU A 303 -10.76 -5.81 10.79
C GLU A 303 -9.77 -5.38 9.73
N ILE A 304 -9.27 -6.35 8.97
CA ILE A 304 -8.31 -6.05 7.92
C ILE A 304 -8.99 -5.15 6.90
N PHE A 305 -10.20 -5.52 6.50
CA PHE A 305 -10.93 -4.71 5.54
C PHE A 305 -11.19 -3.25 6.02
N ALA A 306 -11.66 -3.09 7.24
CA ALA A 306 -11.95 -1.73 7.70
C ALA A 306 -10.68 -0.92 7.90
N TYR A 307 -9.65 -1.57 8.41
CA TYR A 307 -8.37 -0.92 8.65
C TYR A 307 -7.79 -0.36 7.34
N LYS A 308 -7.88 -1.14 6.26
CA LYS A 308 -7.35 -0.67 5.00
C LYS A 308 -8.10 0.53 4.45
N VAL A 309 -9.42 0.58 4.65
CA VAL A 309 -10.17 1.74 4.18
C VAL A 309 -9.76 2.97 5.00
N LYS A 310 -9.60 2.76 6.29
CA LYS A 310 -9.20 3.83 7.19
C LYS A 310 -7.86 4.44 6.74
N LYS A 311 -6.91 3.58 6.39
CA LYS A 311 -5.61 4.06 5.93
C LYS A 311 -5.71 4.86 4.65
N PHE A 312 -6.59 4.46 3.73
CA PHE A 312 -6.73 5.20 2.49
C PHE A 312 -7.30 6.61 2.75
N ILE A 313 -8.15 6.72 3.75
CA ILE A 313 -8.68 8.02 4.09
C ILE A 313 -7.52 8.89 4.54
N GLY A 314 -6.58 8.31 5.29
CA GLY A 314 -5.43 9.12 5.71
C GLY A 314 -4.57 9.49 4.49
N GLU A 315 -4.29 8.50 3.66
CA GLU A 315 -3.50 8.69 2.47
C GLU A 315 -4.04 9.81 1.55
N TYR A 316 -5.34 9.79 1.28
CA TYR A 316 -5.89 10.80 0.40
C TYR A 316 -6.09 12.16 1.07
N SER A 317 -6.02 12.18 2.40
CA SER A 317 -6.10 13.44 3.14
C SER A 317 -4.79 14.18 2.84
N ALA A 318 -3.70 13.43 2.69
CA ALA A 318 -2.42 14.06 2.37
C ALA A 318 -2.40 14.49 0.89
N VAL A 319 -2.93 13.64 0.03
CA VAL A 319 -2.98 13.94 -1.38
C VAL A 319 -3.76 15.25 -1.63
N LEU A 320 -4.90 15.38 -0.96
CA LEU A 320 -5.77 16.53 -1.12
C LEU A 320 -5.43 17.71 -0.22
N ASN A 321 -4.46 17.53 0.66
CA ASN A 321 -4.09 18.60 1.61
C ASN A 321 -5.25 19.02 2.49
N GLY A 322 -5.94 18.03 3.06
CA GLY A 322 -7.12 18.28 3.90
C GLY A 322 -8.35 18.11 3.04
N ALA A 323 -9.25 17.19 3.41
CA ALA A 323 -10.44 16.96 2.61
C ALA A 323 -11.64 17.68 3.26
N ASP A 324 -12.67 18.00 2.49
CA ASP A 324 -13.86 18.65 3.01
C ASP A 324 -14.85 17.59 3.44
N ALA A 325 -14.84 16.45 2.73
CA ALA A 325 -15.76 15.39 3.05
C ALA A 325 -15.28 14.01 2.58
N VAL A 326 -15.81 12.97 3.23
CA VAL A 326 -15.55 11.60 2.89
C VAL A 326 -16.94 11.05 2.53
N VAL A 327 -17.02 10.34 1.41
CA VAL A 327 -18.29 9.77 0.98
C VAL A 327 -18.27 8.24 0.96
N PHE A 328 -19.35 7.63 1.46
CA PHE A 328 -19.49 6.18 1.49
C PHE A 328 -20.64 5.81 0.55
N THR A 329 -20.40 4.83 -0.31
CA THR A 329 -21.40 4.41 -1.28
C THR A 329 -21.22 2.93 -1.62
N ALA A 330 -22.11 2.42 -2.48
CA ALA A 330 -22.13 1.04 -2.92
C ALA A 330 -22.68 0.11 -1.80
N GLY A 331 -22.82 -1.19 -2.13
CA GLY A 331 -23.37 -2.18 -1.22
C GLY A 331 -23.02 -2.07 0.25
N ILE A 332 -21.72 -2.17 0.56
CA ILE A 332 -21.27 -2.07 1.93
C ILE A 332 -21.37 -0.62 2.41
N GLY A 333 -20.87 0.31 1.61
CA GLY A 333 -20.88 1.71 2.00
C GLY A 333 -22.22 2.31 2.34
N GLU A 334 -23.24 1.94 1.60
CA GLU A 334 -24.59 2.46 1.82
C GLU A 334 -25.34 1.75 2.91
N ASN A 335 -25.12 0.45 3.05
CA ASN A 335 -25.89 -0.36 3.99
C ASN A 335 -25.32 -0.82 5.31
N SER A 336 -24.00 -0.88 5.44
CA SER A 336 -23.45 -1.36 6.68
C SER A 336 -23.05 -0.31 7.70
N ALA A 337 -23.92 -0.08 8.66
CA ALA A 337 -23.64 0.87 9.72
C ALA A 337 -22.47 0.35 10.54
N SER A 338 -22.40 -0.97 10.74
CA SER A 338 -21.32 -1.50 11.58
C SER A 338 -19.98 -1.43 10.89
N ILE A 339 -19.93 -1.71 9.58
CA ILE A 339 -18.64 -1.61 8.92
C ILE A 339 -18.22 -0.13 8.86
N ARG A 340 -19.15 0.78 8.65
CA ARG A 340 -18.78 2.21 8.66
C ARG A 340 -18.21 2.63 10.03
N LYS A 341 -18.77 2.07 11.09
CA LYS A 341 -18.31 2.33 12.45
C LYS A 341 -16.86 1.84 12.59
N ARG A 342 -16.58 0.59 12.20
CA ARG A 342 -15.21 0.06 12.30
C ARG A 342 -14.25 0.99 11.55
N ILE A 343 -14.64 1.43 10.36
CA ILE A 343 -13.75 2.27 9.57
C ILE A 343 -13.52 3.64 10.17
N LEU A 344 -14.58 4.28 10.65
CA LEU A 344 -14.49 5.64 11.14
C LEU A 344 -14.12 5.88 12.59
N THR A 345 -13.85 4.82 13.33
CA THR A 345 -13.46 4.96 14.72
C THR A 345 -11.99 5.34 14.82
N GLY A 346 -11.65 6.25 15.72
CA GLY A 346 -10.26 6.67 15.88
C GLY A 346 -9.70 7.64 14.85
N LEU A 347 -10.54 8.51 14.29
CA LEU A 347 -10.04 9.48 13.30
C LEU A 347 -10.33 10.93 13.70
N ASP A 348 -10.76 11.14 14.93
CA ASP A 348 -11.08 12.49 15.38
C ASP A 348 -9.82 13.32 15.27
N GLY A 349 -8.69 12.65 15.42
CA GLY A 349 -7.41 13.33 15.32
C GLY A 349 -7.20 14.01 13.97
N ILE A 350 -7.93 13.60 12.94
CA ILE A 350 -7.80 14.26 11.66
C ILE A 350 -9.13 14.90 11.24
N GLY A 351 -9.94 15.30 12.22
CA GLY A 351 -11.19 15.96 11.91
C GLY A 351 -12.43 15.12 11.61
N ILE A 352 -12.35 13.83 11.79
CA ILE A 352 -13.49 12.98 11.50
C ILE A 352 -14.15 12.40 12.77
N LYS A 353 -15.42 12.73 12.96
CA LYS A 353 -16.17 12.24 14.11
C LYS A 353 -17.62 12.01 13.66
N ILE A 354 -18.16 10.84 13.95
CA ILE A 354 -19.52 10.56 13.51
C ILE A 354 -20.49 10.38 14.65
N ASP A 355 -21.78 10.48 14.32
CA ASP A 355 -22.86 10.32 15.26
C ASP A 355 -23.41 8.91 15.07
N ASP A 356 -23.25 8.08 16.09
CA ASP A 356 -23.71 6.68 16.03
C ASP A 356 -25.15 6.50 15.68
N GLU A 357 -26.00 7.44 16.09
CA GLU A 357 -27.42 7.29 15.79
C GLU A 357 -27.71 7.63 14.32
N LYS A 358 -27.09 8.69 13.81
CA LYS A 358 -27.30 9.08 12.44
C LYS A 358 -26.79 7.99 11.53
N ASN A 359 -25.71 7.35 11.98
CA ASN A 359 -25.09 6.27 11.21
C ASN A 359 -25.99 5.06 11.00
N LYS A 360 -27.10 4.97 11.73
CA LYS A 360 -28.04 3.83 11.64
C LYS A 360 -29.08 3.98 10.54
N ILE A 361 -29.28 5.20 10.07
CA ILE A 361 -30.23 5.50 9.00
C ILE A 361 -29.76 4.79 7.74
N ARG A 362 -30.70 4.36 6.90
CA ARG A 362 -30.35 3.63 5.68
C ARG A 362 -31.10 4.13 4.43
N GLY A 363 -30.47 3.94 3.27
CA GLY A 363 -31.05 4.35 2.01
C GLY A 363 -31.36 5.83 1.92
N GLN A 364 -30.45 6.69 2.36
CA GLN A 364 -30.69 8.12 2.32
C GLN A 364 -29.39 8.91 2.18
N GLU A 365 -29.41 9.98 1.40
CA GLU A 365 -28.24 10.82 1.33
C GLU A 365 -28.25 11.50 2.67
N ILE A 366 -27.22 11.33 3.46
CA ILE A 366 -27.19 11.96 4.77
C ILE A 366 -25.79 12.22 5.32
N ASP A 367 -25.67 13.29 6.08
CA ASP A 367 -24.43 13.66 6.73
C ASP A 367 -24.49 12.93 8.10
N ILE A 368 -23.54 12.03 8.37
CA ILE A 368 -23.56 11.29 9.62
C ILE A 368 -22.52 11.77 10.61
N SER A 369 -21.87 12.88 10.29
CA SER A 369 -20.87 13.42 11.19
C SER A 369 -21.49 14.31 12.26
N THR A 370 -20.79 14.49 13.37
CA THR A 370 -21.25 15.37 14.43
C THR A 370 -21.18 16.78 13.81
N PRO A 371 -22.03 17.70 14.26
CA PRO A 371 -21.99 19.05 13.68
C PRO A 371 -20.71 19.82 13.85
N ASP A 372 -19.89 19.46 14.83
CA ASP A 372 -18.63 20.19 15.07
C ASP A 372 -17.42 19.57 14.32
N ALA A 373 -17.57 18.40 13.71
CA ALA A 373 -16.44 17.76 13.00
C ALA A 373 -15.97 18.63 11.83
N LYS A 374 -14.66 18.77 11.68
CA LYS A 374 -14.09 19.55 10.60
C LYS A 374 -14.39 18.91 9.23
N VAL A 375 -14.38 17.58 9.13
CA VAL A 375 -14.64 16.85 7.88
C VAL A 375 -16.03 16.23 7.91
N ARG A 376 -16.82 16.45 6.86
CA ARG A 376 -18.17 15.89 6.79
C ARG A 376 -18.06 14.44 6.28
N VAL A 377 -18.96 13.57 6.74
CA VAL A 377 -19.00 12.19 6.29
C VAL A 377 -20.40 11.95 5.75
N PHE A 378 -20.51 11.79 4.43
CA PHE A 378 -21.82 11.59 3.84
C PHE A 378 -22.02 10.16 3.40
N VAL A 379 -23.26 9.67 3.53
CA VAL A 379 -23.61 8.36 3.01
C VAL A 379 -24.47 8.77 1.79
N ILE A 380 -24.07 8.31 0.60
CA ILE A 380 -24.76 8.66 -0.64
C ILE A 380 -24.96 7.46 -1.54
N PRO A 381 -26.21 7.06 -1.74
CA PRO A 381 -26.46 5.91 -2.61
C PRO A 381 -25.94 6.25 -4.01
N THR A 382 -25.25 5.30 -4.63
CA THR A 382 -24.74 5.55 -5.95
C THR A 382 -25.78 5.15 -6.98
N ASN A 383 -25.68 5.79 -8.13
CA ASN A 383 -26.59 5.56 -9.22
C ASN A 383 -25.78 5.52 -10.50
N GLU A 384 -25.02 4.46 -10.67
CA GLU A 384 -24.20 4.34 -11.86
C GLU A 384 -25.08 4.33 -13.12
N GLU A 385 -26.25 3.73 -13.01
CA GLU A 385 -27.15 3.61 -14.16
C GLU A 385 -27.63 4.95 -14.74
N LEU A 386 -28.00 5.92 -13.91
CA LEU A 386 -28.43 7.22 -14.43
C LEU A 386 -27.23 7.90 -15.12
N ALA A 387 -26.05 7.70 -14.55
CA ALA A 387 -24.84 8.30 -15.12
C ALA A 387 -24.53 7.66 -16.49
N ILE A 388 -24.66 6.34 -16.58
CA ILE A 388 -24.41 5.65 -17.84
C ILE A 388 -25.44 6.13 -18.89
N ALA A 389 -26.70 6.29 -18.48
CA ALA A 389 -27.79 6.72 -19.36
C ALA A 389 -27.56 8.16 -19.87
N ARG A 390 -27.02 9.02 -19.02
CA ARG A 390 -26.71 10.38 -19.43
C ARG A 390 -25.70 10.35 -20.57
N GLU A 391 -24.63 9.56 -20.41
CA GLU A 391 -23.60 9.41 -21.45
C GLU A 391 -24.22 8.83 -22.74
N THR A 392 -25.07 7.81 -22.57
CA THR A 392 -25.71 7.15 -23.69
C THR A 392 -26.51 8.15 -24.51
N LYS A 393 -27.31 8.94 -23.82
CA LYS A 393 -28.11 9.99 -24.44
C LYS A 393 -27.21 10.96 -25.25
N GLU A 394 -26.19 11.50 -24.59
CA GLU A 394 -25.27 12.42 -25.24
C GLU A 394 -24.65 11.86 -26.52
N ILE A 395 -24.09 10.64 -26.45
CA ILE A 395 -23.46 10.02 -27.61
C ILE A 395 -24.47 9.69 -28.70
N VAL A 396 -25.60 9.09 -28.34
CA VAL A 396 -26.60 8.73 -29.34
C VAL A 396 -27.22 9.98 -29.96
N GLU A 397 -27.22 11.08 -29.23
CA GLU A 397 -27.82 12.31 -29.70
C GLU A 397 -26.95 13.02 -30.70
N THR A 398 -25.66 12.76 -30.64
CA THR A 398 -24.74 13.42 -31.55
C THR A 398 -23.80 12.43 -32.26
N MET B 1 29.66 1.34 31.11
CA MET B 1 29.79 0.06 30.34
C MET B 1 30.34 0.35 28.94
N LYS B 2 31.25 -0.51 28.50
CA LYS B 2 31.81 -0.34 27.17
C LYS B 2 31.36 -1.48 26.28
N VAL B 3 30.77 -1.10 25.14
CA VAL B 3 30.30 -2.08 24.17
C VAL B 3 31.07 -2.11 22.87
N LEU B 4 31.43 -3.31 22.43
CA LEU B 4 32.16 -3.50 21.17
C LEU B 4 31.09 -3.88 20.16
N VAL B 5 31.03 -3.13 19.08
CA VAL B 5 30.05 -3.38 18.03
C VAL B 5 30.80 -3.91 16.84
N ILE B 6 30.37 -5.06 16.32
CA ILE B 6 31.00 -5.73 15.20
C ILE B 6 30.06 -5.82 13.99
N ASN B 7 30.63 -5.68 12.81
CA ASN B 7 29.89 -5.80 11.58
C ASN B 7 30.85 -6.55 10.64
N ALA B 8 30.56 -7.82 10.38
CA ALA B 8 31.44 -8.61 9.55
C ALA B 8 30.95 -8.83 8.14
N GLY B 9 31.88 -8.71 7.20
CA GLY B 9 31.59 -8.95 5.80
C GLY B 9 32.46 -10.13 5.37
N SER B 10 32.33 -10.52 4.10
CA SER B 10 33.09 -11.65 3.56
C SER B 10 34.59 -11.56 3.85
N SER B 11 35.18 -10.40 3.60
CA SER B 11 36.60 -10.26 3.81
C SER B 11 36.97 -9.04 4.62
N SER B 12 35.99 -8.51 5.36
CA SER B 12 36.23 -7.33 6.19
C SER B 12 35.60 -7.46 7.56
N LEU B 13 35.94 -6.53 8.44
CA LEU B 13 35.40 -6.53 9.79
C LEU B 13 35.47 -5.12 10.37
N LYS B 14 34.32 -4.45 10.49
CA LYS B 14 34.27 -3.10 11.05
C LYS B 14 33.94 -3.22 12.54
N TYR B 15 34.51 -2.34 13.34
CA TYR B 15 34.21 -2.35 14.77
C TYR B 15 34.23 -0.96 15.38
N GLN B 16 33.58 -0.83 16.54
CA GLN B 16 33.55 0.40 17.29
C GLN B 16 33.46 0.03 18.76
N LEU B 17 34.22 0.73 19.58
CA LEU B 17 34.17 0.50 21.01
C LEU B 17 33.47 1.76 21.50
N ILE B 18 32.33 1.56 22.13
CA ILE B 18 31.57 2.69 22.61
C ILE B 18 31.38 2.69 24.11
N ASP B 19 31.66 3.82 24.73
CA ASP B 19 31.48 3.96 26.16
C ASP B 19 30.01 4.42 26.33
N MET B 20 29.21 3.59 26.98
CA MET B 20 27.80 3.90 27.17
C MET B 20 27.51 4.94 28.24
N THR B 21 28.53 5.34 29.00
CA THR B 21 28.36 6.36 30.04
C THR B 21 28.06 7.72 29.38
N ASN B 22 28.77 7.98 28.30
CA ASN B 22 28.62 9.20 27.54
C ASN B 22 28.31 8.94 26.05
N GLU B 23 28.07 7.68 25.69
CA GLU B 23 27.82 7.29 24.30
C GLU B 23 28.85 7.83 23.33
N SER B 24 30.11 7.79 23.77
CA SER B 24 31.22 8.27 22.97
C SER B 24 31.95 7.09 22.28
N ALA B 25 32.23 7.24 20.99
CA ALA B 25 32.97 6.19 20.27
C ALA B 25 34.45 6.39 20.58
N LEU B 26 34.99 5.55 21.46
CA LEU B 26 36.39 5.67 21.84
C LEU B 26 37.34 5.34 20.69
N ALA B 27 37.00 4.31 19.92
CA ALA B 27 37.86 3.93 18.82
C ALA B 27 37.01 3.32 17.74
N VAL B 28 37.42 3.54 16.50
CA VAL B 28 36.70 3.03 15.34
C VAL B 28 37.72 2.31 14.46
N GLY B 29 37.39 1.13 13.95
CA GLY B 29 38.34 0.42 13.13
C GLY B 29 37.82 -0.41 11.98
N LEU B 30 38.74 -0.94 11.19
CA LEU B 30 38.40 -1.73 10.03
C LEU B 30 39.50 -2.72 9.67
N CYS B 31 39.13 -3.98 9.49
CA CYS B 31 40.08 -5.00 9.08
C CYS B 31 39.66 -5.29 7.66
N GLU B 32 40.59 -5.22 6.71
CA GLU B 32 40.28 -5.52 5.32
C GLU B 32 41.15 -6.61 4.75
N ARG B 33 40.73 -7.16 3.61
CA ARG B 33 41.46 -8.24 2.93
C ARG B 33 41.73 -9.45 3.80
N ILE B 34 40.75 -9.83 4.62
CA ILE B 34 40.86 -11.01 5.47
C ILE B 34 40.79 -12.22 4.52
N GLY B 35 41.62 -13.22 4.78
CA GLY B 35 41.61 -14.41 3.94
C GLY B 35 42.29 -14.15 2.60
N ILE B 36 42.86 -12.97 2.45
CA ILE B 36 43.56 -12.62 1.23
C ILE B 36 44.97 -12.23 1.66
N ASP B 37 45.75 -11.72 0.71
CA ASP B 37 47.12 -11.30 0.99
C ASP B 37 47.12 -9.80 1.26
N ASN B 38 48.10 -9.34 2.03
CA ASN B 38 48.22 -7.93 2.38
C ASN B 38 47.05 -7.47 3.24
N SER B 39 46.76 -8.26 4.26
CA SER B 39 45.68 -7.94 5.16
C SER B 39 46.07 -6.65 5.89
N ILE B 40 45.09 -5.92 6.38
CA ILE B 40 45.36 -4.68 7.07
C ILE B 40 44.30 -4.29 8.09
N ILE B 41 44.74 -3.80 9.23
CA ILE B 41 43.82 -3.32 10.24
C ILE B 41 44.14 -1.84 10.43
N THR B 42 43.10 -1.00 10.45
CA THR B 42 43.27 0.44 10.64
C THR B 42 42.36 0.84 11.80
N GLN B 43 42.89 1.60 12.76
CA GLN B 43 42.11 2.05 13.90
C GLN B 43 42.27 3.55 14.14
N LYS B 44 41.16 4.24 14.40
CA LYS B 44 41.21 5.67 14.69
C LYS B 44 40.76 5.79 16.14
N LYS B 45 41.58 6.46 16.95
CA LYS B 45 41.26 6.67 18.34
C LYS B 45 40.58 8.03 18.39
N PHE B 46 39.66 8.22 19.34
CA PHE B 46 38.94 9.47 19.45
C PHE B 46 39.79 10.73 19.33
N ASP B 47 40.95 10.79 19.98
CA ASP B 47 41.76 11.99 19.92
C ASP B 47 42.63 12.24 18.66
N GLY B 48 42.28 11.67 17.52
CA GLY B 48 43.10 11.94 16.36
C GLY B 48 44.43 11.18 16.28
N LYS B 49 44.41 9.90 16.68
CA LYS B 49 45.58 9.04 16.57
C LYS B 49 45.13 7.88 15.71
N LYS B 50 45.91 7.60 14.66
CA LYS B 50 45.58 6.53 13.76
C LYS B 50 46.66 5.44 13.73
N LEU B 51 46.23 4.20 13.84
CA LEU B 51 47.12 3.05 13.82
C LEU B 51 46.81 2.22 12.58
N GLU B 52 47.86 1.75 11.92
CA GLU B 52 47.74 0.91 10.74
C GLU B 52 48.74 -0.21 10.89
N LYS B 53 48.32 -1.44 10.62
CA LYS B 53 49.24 -2.54 10.76
C LYS B 53 49.03 -3.49 9.60
N LEU B 54 50.12 -3.78 8.88
CA LEU B 54 50.03 -4.73 7.77
C LEU B 54 50.43 -6.05 8.38
N THR B 55 49.50 -6.98 8.42
CA THR B 55 49.78 -8.28 8.97
C THR B 55 48.80 -9.25 8.30
N ASP B 56 49.14 -10.53 8.33
CA ASP B 56 48.28 -11.51 7.70
C ASP B 56 47.06 -11.90 8.57
N LEU B 57 45.87 -11.77 7.99
CA LEU B 57 44.63 -12.12 8.68
C LEU B 57 43.92 -13.20 7.84
N PRO B 58 44.26 -14.48 8.08
CA PRO B 58 43.69 -15.65 7.39
C PRO B 58 42.18 -15.81 7.57
N THR B 59 41.73 -15.67 8.82
CA THR B 59 40.32 -15.81 9.17
C THR B 59 39.83 -14.67 10.08
N HIS B 60 38.51 -14.52 10.17
CA HIS B 60 37.91 -13.51 11.03
C HIS B 60 38.37 -13.67 12.49
N LYS B 61 38.76 -14.89 12.86
CA LYS B 61 39.23 -15.12 14.22
C LYS B 61 40.58 -14.43 14.44
N ASP B 62 41.41 -14.41 13.39
CA ASP B 62 42.71 -13.77 13.47
C ASP B 62 42.51 -12.26 13.53
N ALA B 63 41.61 -11.77 12.69
CA ALA B 63 41.29 -10.34 12.63
C ALA B 63 40.79 -9.85 13.99
N LEU B 64 39.90 -10.62 14.61
CA LEU B 64 39.35 -10.22 15.90
C LEU B 64 40.43 -10.21 16.99
N GLU B 65 41.41 -11.10 16.85
CA GLU B 65 42.49 -11.18 17.81
C GLU B 65 43.33 -9.90 17.68
N GLU B 66 43.53 -9.44 16.45
CA GLU B 66 44.27 -8.20 16.18
C GLU B 66 43.47 -6.98 16.68
N VAL B 67 42.15 -7.00 16.48
CA VAL B 67 41.30 -5.91 16.92
C VAL B 67 41.51 -5.71 18.42
N VAL B 68 41.57 -6.81 19.17
CA VAL B 68 41.77 -6.73 20.61
C VAL B 68 43.16 -6.16 20.93
N LYS B 69 44.16 -6.53 20.13
CA LYS B 69 45.50 -6.04 20.38
C LYS B 69 45.57 -4.54 20.12
N ALA B 70 44.89 -4.09 19.06
CA ALA B 70 44.85 -2.66 18.72
C ALA B 70 44.06 -1.84 19.76
N LEU B 71 43.00 -2.42 20.33
CA LEU B 71 42.20 -1.71 21.33
C LEU B 71 42.96 -1.57 22.64
N THR B 72 43.88 -2.48 22.92
CA THR B 72 44.65 -2.43 24.15
C THR B 72 46.05 -1.82 24.01
N ASP B 73 46.38 -1.33 22.82
CA ASP B 73 47.68 -0.73 22.58
C ASP B 73 47.93 0.41 23.58
N ASP B 74 49.14 0.45 24.14
CA ASP B 74 49.54 1.43 25.13
C ASP B 74 49.26 2.89 24.78
N GLU B 75 49.55 3.28 23.53
CA GLU B 75 49.32 4.65 23.09
C GLU B 75 48.16 4.84 22.11
N PHE B 76 47.99 3.91 21.19
CA PHE B 76 46.91 4.07 20.22
C PHE B 76 45.62 3.36 20.60
N GLY B 77 45.64 2.62 21.72
CA GLY B 77 44.46 1.91 22.19
C GLY B 77 43.62 2.75 23.15
N VAL B 78 42.58 2.16 23.72
CA VAL B 78 41.68 2.86 24.63
C VAL B 78 41.30 2.10 25.91
N ILE B 79 41.76 0.86 26.04
CA ILE B 79 41.46 0.07 27.24
C ILE B 79 42.72 -0.71 27.62
N LYS B 80 42.83 -1.07 28.90
CA LYS B 80 44.00 -1.83 29.40
C LYS B 80 43.94 -3.32 29.04
N ASP B 81 42.79 -3.94 29.22
CA ASP B 81 42.70 -5.35 28.85
C ASP B 81 41.31 -5.75 28.31
N MET B 82 41.28 -6.90 27.65
CA MET B 82 40.05 -7.42 27.05
C MET B 82 38.86 -7.42 28.01
N GLY B 83 39.15 -7.55 29.30
CA GLY B 83 38.09 -7.55 30.29
C GLY B 83 37.33 -6.25 30.40
N GLU B 84 37.82 -5.18 29.78
CA GLU B 84 37.09 -3.93 29.86
C GLU B 84 35.94 -3.88 28.85
N ILE B 85 35.92 -4.84 27.93
CA ILE B 85 34.82 -4.94 26.97
C ILE B 85 33.72 -5.69 27.73
N ASN B 86 32.65 -5.01 28.12
CA ASN B 86 31.55 -5.63 28.87
C ASN B 86 30.59 -6.43 28.02
N ALA B 87 30.47 -6.07 26.75
CA ALA B 87 29.56 -6.80 25.89
C ALA B 87 29.91 -6.56 24.41
N VAL B 88 29.40 -7.43 23.55
CA VAL B 88 29.61 -7.32 22.11
C VAL B 88 28.21 -7.33 21.43
N GLY B 89 28.03 -6.53 20.38
CA GLY B 89 26.75 -6.52 19.67
C GLY B 89 26.91 -6.66 18.16
N HIS B 90 25.97 -7.36 17.51
CA HIS B 90 25.99 -7.61 16.06
C HIS B 90 24.57 -7.45 15.52
N ARG B 91 24.45 -6.96 14.30
CA ARG B 91 23.15 -6.78 13.70
C ARG B 91 22.89 -7.83 12.63
N VAL B 92 21.70 -8.40 12.65
CA VAL B 92 21.27 -9.37 11.66
C VAL B 92 19.96 -8.78 11.08
N VAL B 93 19.71 -8.98 9.79
CA VAL B 93 18.50 -8.45 9.19
C VAL B 93 17.17 -9.08 9.64
N HIS B 94 17.04 -10.38 9.41
CA HIS B 94 15.78 -11.11 9.66
C HIS B 94 15.70 -11.99 10.91
N GLY B 95 14.73 -11.71 11.77
CA GLY B 95 14.53 -12.54 12.95
C GLY B 95 13.15 -13.19 12.90
N GLY B 96 12.49 -13.07 11.75
CA GLY B 96 11.16 -13.62 11.57
C GLY B 96 10.22 -13.40 12.74
N GLU B 97 9.57 -14.49 13.15
CA GLU B 97 8.66 -14.45 14.27
C GLU B 97 9.31 -15.08 15.48
N LYS B 98 10.49 -15.66 15.29
CA LYS B 98 11.23 -16.28 16.37
C LYS B 98 11.84 -15.25 17.29
N PHE B 99 12.19 -14.09 16.74
CA PHE B 99 12.84 -13.04 17.53
C PHE B 99 12.04 -11.77 17.66
N THR B 100 11.42 -11.59 18.82
CA THR B 100 10.61 -10.43 19.07
C THR B 100 11.39 -9.37 19.82
N THR B 101 12.62 -9.71 20.21
CA THR B 101 13.49 -8.74 20.89
C THR B 101 14.91 -9.13 20.51
N SER B 102 15.89 -8.31 20.90
CA SER B 102 17.28 -8.64 20.64
C SER B 102 17.55 -9.88 21.50
N ALA B 103 18.56 -10.64 21.16
CA ALA B 103 18.81 -11.85 21.92
C ALA B 103 20.23 -12.09 22.38
N LEU B 104 20.36 -12.78 23.49
CA LEU B 104 21.65 -13.13 24.04
C LEU B 104 22.13 -14.33 23.24
N TYR B 105 23.34 -14.26 22.72
CA TYR B 105 23.86 -15.37 21.90
C TYR B 105 24.15 -16.68 22.61
N ASP B 106 23.95 -17.78 21.88
CA ASP B 106 24.22 -19.15 22.32
C ASP B 106 23.95 -20.09 21.15
N GLU B 107 24.25 -21.37 21.33
CA GLU B 107 24.06 -22.35 20.26
C GLU B 107 22.65 -22.34 19.68
N GLY B 108 21.66 -22.02 20.53
CA GLY B 108 20.27 -21.98 20.08
C GLY B 108 19.98 -20.91 19.03
N VAL B 109 20.37 -19.68 19.36
CA VAL B 109 20.19 -18.53 18.48
C VAL B 109 20.88 -18.70 17.12
N GLU B 110 22.02 -19.40 17.10
CA GLU B 110 22.73 -19.60 15.84
C GLU B 110 21.90 -20.41 14.83
N LYS B 111 21.21 -21.44 15.35
CA LYS B 111 20.37 -22.30 14.54
C LYS B 111 19.14 -21.52 14.09
N ALA B 112 18.46 -20.87 15.05
CA ALA B 112 17.25 -20.09 14.75
C ALA B 112 17.53 -19.03 13.68
N ILE B 113 18.70 -18.40 13.76
CA ILE B 113 19.07 -17.40 12.77
C ILE B 113 19.15 -18.07 11.39
N LYS B 114 19.83 -19.21 11.31
CA LYS B 114 19.93 -19.91 10.03
C LYS B 114 18.56 -20.31 9.48
N ASP B 115 17.69 -20.83 10.34
CA ASP B 115 16.34 -21.21 9.93
C ASP B 115 15.58 -20.00 9.40
N CYS B 116 15.55 -18.91 10.16
CA CYS B 116 14.84 -17.70 9.72
C CYS B 116 15.23 -17.29 8.33
N PHE B 117 16.48 -17.54 7.97
CA PHE B 117 16.93 -17.16 6.65
C PHE B 117 16.39 -18.08 5.56
N GLU B 118 16.52 -19.38 5.75
CA GLU B 118 16.06 -20.35 4.75
C GLU B 118 14.56 -20.38 4.55
N LEU B 119 13.81 -19.80 5.48
CA LEU B 119 12.35 -19.77 5.35
C LEU B 119 11.94 -18.45 4.69
N ALA B 120 12.79 -17.44 4.83
CA ALA B 120 12.54 -16.13 4.25
C ALA B 120 13.01 -16.13 2.78
N PRO B 121 12.47 -15.22 1.97
CA PRO B 121 12.83 -15.11 0.56
C PRO B 121 13.95 -14.12 0.31
N LEU B 122 14.77 -13.89 1.33
CA LEU B 122 15.86 -12.95 1.22
C LEU B 122 17.07 -13.47 0.46
N HIS B 123 17.79 -12.52 -0.11
CA HIS B 123 18.99 -12.76 -0.92
C HIS B 123 20.22 -13.19 -0.15
N ASN B 124 20.92 -12.21 0.41
CA ASN B 124 22.16 -12.43 1.17
C ASN B 124 21.95 -13.06 2.52
N PRO B 125 22.50 -14.26 2.74
CA PRO B 125 22.31 -14.88 4.04
C PRO B 125 23.11 -14.09 5.08
N PRO B 126 22.76 -14.22 6.35
CA PRO B 126 23.54 -13.46 7.33
C PRO B 126 24.99 -13.99 7.42
N ASN B 127 25.95 -13.08 7.56
CA ASN B 127 27.36 -13.47 7.69
C ASN B 127 27.62 -13.75 9.17
N MET B 128 27.92 -14.99 9.52
CA MET B 128 28.14 -15.37 10.93
C MET B 128 29.59 -15.39 11.38
N MET B 129 30.51 -15.23 10.44
CA MET B 129 31.92 -15.28 10.76
C MET B 129 32.36 -14.38 11.89
N GLY B 130 31.77 -13.19 11.98
CA GLY B 130 32.11 -12.27 13.04
C GLY B 130 31.62 -12.77 14.40
N ILE B 131 30.38 -13.27 14.41
CA ILE B 131 29.76 -13.80 15.62
C ILE B 131 30.53 -15.01 16.17
N SER B 132 30.91 -15.93 15.27
CA SER B 132 31.66 -17.15 15.63
C SER B 132 33.03 -16.86 16.27
N ALA B 133 33.81 -16.02 15.60
CA ALA B 133 35.13 -15.63 16.03
C ALA B 133 35.05 -15.05 17.43
N CYS B 134 33.97 -14.34 17.70
CA CYS B 134 33.75 -13.73 19.01
C CYS B 134 33.65 -14.71 20.15
N ALA B 135 32.97 -15.83 19.90
CA ALA B 135 32.80 -16.88 20.87
C ALA B 135 34.12 -17.54 21.27
N GLU B 136 35.04 -17.68 20.31
CA GLU B 136 36.35 -18.28 20.60
C GLU B 136 37.29 -17.31 21.33
N ILE B 137 37.39 -16.08 20.83
CA ILE B 137 38.27 -15.10 21.41
C ILE B 137 37.82 -14.66 22.82
N MET B 138 36.53 -14.36 22.99
CA MET B 138 36.03 -13.93 24.31
C MET B 138 34.82 -14.71 24.76
N PRO B 139 35.04 -15.99 25.12
CA PRO B 139 34.04 -16.96 25.59
C PRO B 139 33.16 -16.45 26.71
N GLY B 140 33.76 -15.69 27.61
CA GLY B 140 32.99 -15.21 28.74
C GLY B 140 32.25 -13.89 28.57
N THR B 141 32.35 -13.26 27.41
CA THR B 141 31.68 -11.99 27.22
C THR B 141 30.30 -12.10 26.58
N PRO B 142 29.28 -11.46 27.20
CA PRO B 142 27.91 -11.50 26.68
C PRO B 142 27.86 -10.93 25.27
N MET B 143 27.20 -11.63 24.37
CA MET B 143 27.06 -11.16 23.01
C MET B 143 25.58 -11.01 22.68
N VAL B 144 25.22 -9.88 22.08
CA VAL B 144 23.83 -9.60 21.72
C VAL B 144 23.64 -9.46 20.23
N ILE B 145 22.67 -10.19 19.68
CA ILE B 145 22.34 -10.13 18.25
C ILE B 145 21.13 -9.19 18.14
N VAL B 146 21.20 -8.19 17.28
CA VAL B 146 20.10 -7.26 17.14
C VAL B 146 19.48 -7.48 15.76
N PHE B 147 18.17 -7.63 15.70
CA PHE B 147 17.44 -7.89 14.46
C PHE B 147 16.71 -6.66 13.92
N ASP B 148 16.74 -6.46 12.60
CA ASP B 148 16.08 -5.30 12.00
C ASP B 148 14.59 -5.45 11.87
N THR B 149 14.12 -6.68 12.01
CA THR B 149 12.70 -6.99 11.97
C THR B 149 12.13 -6.94 13.42
N ALA B 150 12.98 -7.09 14.42
CA ALA B 150 12.52 -7.12 15.81
C ALA B 150 11.57 -6.01 16.29
N PHE B 151 11.92 -4.76 16.05
CA PHE B 151 11.14 -3.64 16.50
C PHE B 151 9.68 -3.69 16.04
N HIS B 152 9.42 -4.28 14.88
CA HIS B 152 8.07 -4.31 14.35
C HIS B 152 7.18 -5.44 14.83
N GLN B 153 7.73 -6.33 15.66
CA GLN B 153 6.98 -7.47 16.15
C GLN B 153 5.79 -7.08 17.07
N THR B 154 5.65 -5.81 17.41
CA THR B 154 4.54 -5.36 18.21
C THR B 154 3.34 -5.01 17.30
N MET B 155 3.48 -5.15 15.98
CA MET B 155 2.36 -4.83 15.11
C MET B 155 1.14 -5.74 15.37
N PRO B 156 -0.07 -5.19 15.32
CA PRO B 156 -1.25 -6.04 15.56
C PRO B 156 -1.56 -6.89 14.32
N PRO B 157 -2.30 -7.99 14.51
CA PRO B 157 -2.63 -8.89 13.40
C PRO B 157 -3.34 -8.26 12.22
N TYR B 158 -4.21 -7.29 12.47
CA TYR B 158 -4.93 -6.68 11.33
C TYR B 158 -3.98 -5.81 10.49
N ALA B 159 -2.75 -5.59 10.98
CA ALA B 159 -1.78 -4.81 10.20
C ALA B 159 -0.79 -5.75 9.49
N TYR B 160 -0.35 -6.79 10.18
CA TYR B 160 0.66 -7.66 9.57
C TYR B 160 0.16 -8.79 8.68
N MET B 161 -1.13 -9.10 8.75
CA MET B 161 -1.69 -10.16 7.92
C MET B 161 -2.09 -9.57 6.56
N TYR B 162 -1.83 -10.31 5.48
CA TYR B 162 -2.23 -9.89 4.15
C TYR B 162 -3.62 -10.51 3.92
N ALA B 163 -4.40 -9.91 3.04
CA ALA B 163 -5.72 -10.45 2.75
C ALA B 163 -5.57 -11.56 1.69
N LEU B 164 -4.82 -12.60 2.07
CA LEU B 164 -4.58 -13.76 1.23
C LEU B 164 -5.18 -14.95 1.93
N PRO B 165 -5.20 -16.13 1.27
CA PRO B 165 -5.76 -17.31 1.93
C PRO B 165 -4.98 -17.50 3.22
N TYR B 166 -5.68 -17.69 4.33
CA TYR B 166 -5.06 -17.84 5.64
C TYR B 166 -3.98 -18.93 5.74
N ASP B 167 -4.16 -20.04 5.03
CA ASP B 167 -3.20 -21.14 5.12
C ASP B 167 -1.79 -20.75 4.67
N LEU B 168 -1.67 -19.74 3.81
CA LEU B 168 -0.35 -19.34 3.34
C LEU B 168 0.41 -18.74 4.49
N TYR B 169 -0.32 -18.09 5.41
CA TYR B 169 0.30 -17.49 6.56
C TYR B 169 0.81 -18.62 7.46
N GLU B 170 -0.02 -19.63 7.63
CA GLU B 170 0.33 -20.75 8.48
C GLU B 170 1.37 -21.72 7.88
N LYS B 171 1.27 -22.00 6.59
CA LYS B 171 2.19 -22.92 5.94
C LYS B 171 3.56 -22.31 5.54
N HIS B 172 3.57 -21.07 5.06
CA HIS B 172 4.80 -20.43 4.64
C HIS B 172 5.20 -19.20 5.44
N GLY B 173 4.47 -18.87 6.49
CA GLY B 173 4.84 -17.70 7.27
C GLY B 173 4.71 -16.36 6.57
N VAL B 174 3.86 -16.27 5.54
CA VAL B 174 3.65 -15.02 4.82
C VAL B 174 2.88 -14.02 5.69
N ARG B 175 3.52 -12.90 5.99
CA ARG B 175 2.97 -11.82 6.79
C ARG B 175 3.95 -10.66 6.64
N LYS B 176 3.55 -9.51 7.15
CA LYS B 176 4.42 -8.34 7.09
C LYS B 176 5.45 -8.40 8.23
N TYR B 177 6.72 -8.17 7.91
CA TYR B 177 7.77 -8.18 8.94
C TYR B 177 8.28 -6.76 9.20
N GLY B 178 8.68 -6.06 8.14
CA GLY B 178 9.23 -4.72 8.29
C GLY B 178 10.74 -4.75 8.52
N PHE B 179 11.44 -3.69 8.12
CA PHE B 179 12.88 -3.64 8.28
C PHE B 179 13.33 -2.28 8.78
N HIS B 180 14.66 -2.03 8.84
CA HIS B 180 15.22 -0.78 9.34
C HIS B 180 14.79 -0.58 10.79
N GLY B 181 14.38 -1.65 11.45
CA GLY B 181 13.92 -1.58 12.83
C GLY B 181 14.83 -0.80 13.77
N THR B 182 16.12 -1.07 13.67
CA THR B 182 17.09 -0.41 14.54
C THR B 182 17.12 1.10 14.31
N SER B 183 17.05 1.53 13.05
CA SER B 183 17.05 2.93 12.76
C SER B 183 15.72 3.57 13.27
N HIS B 184 14.58 2.94 12.96
CA HIS B 184 13.32 3.52 13.37
C HIS B 184 13.20 3.66 14.89
N LYS B 185 13.62 2.63 15.61
CA LYS B 185 13.55 2.68 17.05
C LYS B 185 14.44 3.80 17.61
N TYR B 186 15.66 3.90 17.11
CA TYR B 186 16.58 4.93 17.59
C TYR B 186 16.06 6.37 17.39
N VAL B 187 15.65 6.72 16.17
CA VAL B 187 15.17 8.09 15.94
C VAL B 187 13.83 8.36 16.64
N ALA B 188 13.01 7.32 16.86
CA ALA B 188 11.75 7.48 17.60
C ALA B 188 12.10 7.91 19.05
N GLU B 189 13.17 7.34 19.59
CA GLU B 189 13.62 7.64 20.95
C GLU B 189 14.13 9.07 21.02
N ARG B 190 14.92 9.49 20.02
CA ARG B 190 15.46 10.84 19.98
C ARG B 190 14.29 11.85 19.82
N ALA B 191 13.32 11.49 18.99
CA ALA B 191 12.18 12.38 18.77
C ALA B 191 11.37 12.63 20.04
N ALA B 192 11.22 11.60 20.88
CA ALA B 192 10.47 11.75 22.12
C ALA B 192 11.19 12.76 23.04
N LEU B 193 12.51 12.67 23.10
CA LEU B 193 13.30 13.60 23.89
C LEU B 193 13.10 15.04 23.37
N MET B 194 13.12 15.23 22.06
CA MET B 194 12.92 16.56 21.47
C MET B 194 11.51 17.10 21.70
N LEU B 195 10.55 16.21 21.90
CA LEU B 195 9.18 16.63 22.15
C LEU B 195 9.06 16.96 23.63
N GLY B 196 10.05 16.53 24.40
CA GLY B 196 10.02 16.76 25.84
C GLY B 196 8.89 16.02 26.52
N LYS B 197 8.60 14.80 26.08
CA LYS B 197 7.54 14.00 26.67
C LYS B 197 8.08 12.59 26.80
N PRO B 198 7.56 11.82 27.74
CA PRO B 198 8.06 10.43 27.87
C PRO B 198 7.59 9.70 26.59
N ALA B 199 8.36 8.79 26.06
CA ALA B 199 7.98 8.08 24.85
C ALA B 199 6.52 7.56 24.82
N GLU B 200 6.05 7.01 25.95
CA GLU B 200 4.70 6.44 26.03
C GLU B 200 3.58 7.40 25.66
N GLU B 201 3.85 8.69 25.74
CA GLU B 201 2.87 9.71 25.45
C GLU B 201 2.98 10.29 24.04
N THR B 202 3.87 9.74 23.23
CA THR B 202 4.08 10.27 21.88
C THR B 202 3.59 9.43 20.72
N LYS B 203 3.26 10.11 19.62
CA LYS B 203 2.83 9.45 18.40
C LYS B 203 3.74 10.04 17.32
N ILE B 204 4.63 9.20 16.80
CA ILE B 204 5.62 9.63 15.82
C ILE B 204 5.64 8.83 14.52
N ILE B 205 5.86 9.52 13.40
CA ILE B 205 5.98 8.85 12.11
C ILE B 205 7.47 8.99 11.75
N THR B 206 8.15 7.85 11.57
CA THR B 206 9.57 7.89 11.26
C THR B 206 9.82 7.50 9.80
N CYS B 207 10.60 8.33 9.11
CA CYS B 207 10.91 8.11 7.71
C CYS B 207 12.40 7.88 7.49
N HIS B 208 12.76 6.63 7.24
CA HIS B 208 14.14 6.26 6.96
C HIS B 208 14.26 6.26 5.42
N LEU B 209 14.78 7.35 4.89
CA LEU B 209 14.92 7.50 3.46
C LEU B 209 16.38 7.33 3.04
N GLY B 210 16.69 6.17 2.48
CA GLY B 210 18.04 5.88 2.01
C GLY B 210 17.98 5.13 0.68
N ASN B 211 18.98 4.34 0.33
CA ASN B 211 18.86 3.61 -0.93
C ASN B 211 17.63 2.74 -0.78
N GLY B 212 17.40 2.26 0.44
CA GLY B 212 16.20 1.50 0.78
C GLY B 212 15.37 2.49 1.60
N SER B 213 14.06 2.49 1.44
CA SER B 213 13.26 3.44 2.20
C SER B 213 12.05 2.81 2.84
N SER B 214 11.79 3.22 4.08
CA SER B 214 10.64 2.73 4.81
C SER B 214 10.14 3.75 5.84
N ILE B 215 8.84 3.69 6.11
CA ILE B 215 8.18 4.60 7.06
C ILE B 215 7.55 3.71 8.15
N THR B 216 7.56 4.20 9.38
CA THR B 216 6.98 3.47 10.49
C THR B 216 6.08 4.39 11.33
N ALA B 217 5.01 3.83 11.84
CA ALA B 217 4.08 4.55 12.71
C ALA B 217 4.42 4.07 14.11
N VAL B 218 4.96 4.96 14.93
CA VAL B 218 5.35 4.61 16.29
C VAL B 218 4.40 5.21 17.34
N GLU B 219 3.69 4.33 18.01
CA GLU B 219 2.74 4.74 19.02
C GLU B 219 3.19 4.43 20.43
N GLY B 220 3.45 5.48 21.22
CA GLY B 220 3.88 5.27 22.58
C GLY B 220 5.13 4.42 22.66
N GLY B 221 6.03 4.55 21.67
CA GLY B 221 7.29 3.80 21.70
C GLY B 221 7.32 2.46 21.01
N LYS B 222 6.17 1.96 20.57
CA LYS B 222 6.14 0.69 19.86
C LYS B 222 5.72 0.83 18.40
N SER B 223 6.32 0.03 17.53
CA SER B 223 5.99 0.04 16.11
C SER B 223 4.61 -0.56 15.98
N VAL B 224 3.74 0.11 15.25
CA VAL B 224 2.39 -0.34 15.11
C VAL B 224 2.01 -0.62 13.66
N GLU B 225 2.87 -0.17 12.73
CA GLU B 225 2.61 -0.33 11.29
C GLU B 225 3.88 0.14 10.61
N THR B 226 4.23 -0.42 9.46
CA THR B 226 5.45 -0.02 8.77
C THR B 226 5.29 -0.27 7.25
N SER B 227 6.08 0.41 6.41
CA SER B 227 5.86 0.27 4.98
C SER B 227 6.39 -0.99 4.26
N MET B 228 7.55 -1.49 4.64
CA MET B 228 8.06 -2.72 4.02
C MET B 228 7.27 -3.89 4.58
N GLY B 229 7.28 -5.04 3.91
CA GLY B 229 6.48 -6.14 4.40
C GLY B 229 7.14 -7.46 4.56
N PHE B 230 6.69 -8.46 3.80
CA PHE B 230 7.25 -9.80 3.85
C PHE B 230 8.74 -9.65 3.49
N THR B 231 9.02 -8.81 2.51
CA THR B 231 10.39 -8.54 2.09
C THR B 231 10.59 -7.02 2.06
N PRO B 232 11.84 -6.57 1.88
CA PRO B 232 12.15 -5.14 1.86
C PRO B 232 11.61 -4.45 0.59
N LEU B 233 10.87 -5.17 -0.23
CA LEU B 233 10.36 -4.60 -1.49
C LEU B 233 9.07 -3.79 -1.40
N GLU B 234 8.23 -4.11 -0.42
CA GLU B 234 6.96 -3.43 -0.25
C GLU B 234 7.00 -1.96 0.21
N GLY B 235 6.02 -1.20 -0.25
CA GLY B 235 5.93 0.18 0.15
C GLY B 235 6.32 1.28 -0.82
N LEU B 236 7.32 2.04 -0.44
CA LEU B 236 7.80 3.17 -1.22
C LEU B 236 8.59 2.78 -2.46
N ALA B 237 8.70 3.71 -3.39
CA ALA B 237 9.56 3.51 -4.55
C ALA B 237 10.93 3.85 -3.94
N MET B 238 11.96 3.09 -4.29
CA MET B 238 13.29 3.35 -3.74
C MET B 238 14.32 3.53 -4.86
N GLY B 239 15.60 3.40 -4.51
CA GLY B 239 16.65 3.54 -5.50
C GLY B 239 16.47 2.57 -6.67
N THR B 240 16.32 1.28 -6.41
CA THR B 240 16.16 0.33 -7.49
C THR B 240 14.92 -0.55 -7.31
N ARG B 241 14.14 -0.29 -6.26
CA ARG B 241 12.95 -1.10 -5.99
C ARG B 241 11.65 -0.35 -6.33
N CYS B 242 10.70 -1.10 -6.86
CA CYS B 242 9.42 -0.56 -7.32
C CYS B 242 8.40 -0.27 -6.22
N GLY B 243 8.50 -0.94 -5.09
CA GLY B 243 7.55 -0.69 -4.04
C GLY B 243 6.25 -1.39 -4.38
N SER B 244 5.18 -0.98 -3.72
CA SER B 244 3.85 -1.53 -3.91
C SER B 244 3.17 -1.16 -5.22
N ILE B 245 3.17 -2.08 -6.17
CA ILE B 245 2.54 -1.85 -7.47
C ILE B 245 1.31 -2.76 -7.53
N ASP B 246 0.54 -2.68 -8.61
CA ASP B 246 -0.61 -3.58 -8.75
C ASP B 246 0.01 -4.99 -8.88
N PRO B 247 -0.29 -5.91 -7.96
CA PRO B 247 0.26 -7.26 -8.02
C PRO B 247 -0.02 -8.01 -9.33
N ALA B 248 -1.08 -7.61 -10.03
CA ALA B 248 -1.41 -8.29 -11.26
C ALA B 248 -0.35 -8.03 -12.33
N ILE B 249 0.42 -6.97 -12.15
CA ILE B 249 1.47 -6.63 -13.11
C ILE B 249 2.52 -7.72 -13.16
N VAL B 250 2.67 -8.47 -12.07
CA VAL B 250 3.70 -9.49 -12.08
C VAL B 250 3.44 -10.62 -13.09
N PRO B 251 2.34 -11.36 -12.93
CA PRO B 251 2.20 -12.42 -13.95
C PRO B 251 2.01 -11.83 -15.37
N PHE B 252 1.36 -10.66 -15.49
CA PHE B 252 1.15 -10.01 -16.79
C PHE B 252 2.53 -9.86 -17.51
N LEU B 253 3.50 -9.31 -16.80
CA LEU B 253 4.84 -9.08 -17.31
C LEU B 253 5.55 -10.40 -17.59
N MET B 254 5.34 -11.39 -16.73
CA MET B 254 5.98 -12.69 -16.94
C MET B 254 5.50 -13.32 -18.24
N GLU B 255 4.23 -13.13 -18.58
CA GLU B 255 3.71 -13.70 -19.82
C GLU B 255 4.15 -12.87 -21.02
N LYS B 256 4.15 -11.55 -20.87
CA LYS B 256 4.50 -10.68 -21.98
C LYS B 256 5.97 -10.74 -22.35
N GLU B 257 6.84 -10.67 -21.34
CA GLU B 257 8.26 -10.69 -21.57
C GLU B 257 8.90 -12.09 -21.43
N GLY B 258 8.09 -13.12 -21.23
CA GLY B 258 8.63 -14.46 -21.08
C GLY B 258 9.66 -14.52 -19.97
N LEU B 259 9.29 -14.09 -18.77
CA LEU B 259 10.25 -14.07 -17.66
C LEU B 259 10.06 -15.19 -16.63
N THR B 260 11.19 -15.63 -16.06
CA THR B 260 11.20 -16.66 -14.99
C THR B 260 10.99 -15.93 -13.66
N THR B 261 10.58 -16.67 -12.62
CA THR B 261 10.36 -16.07 -11.31
C THR B 261 11.59 -15.29 -10.85
N ARG B 262 12.80 -15.80 -11.11
CA ARG B 262 14.03 -15.09 -10.69
C ARG B 262 14.23 -13.80 -11.45
N GLU B 263 13.86 -13.82 -12.73
CA GLU B 263 14.01 -12.61 -13.52
C GLU B 263 13.04 -11.52 -13.06
N ILE B 264 11.80 -11.87 -12.75
CA ILE B 264 10.83 -10.85 -12.35
C ILE B 264 11.25 -10.31 -10.99
N ASP B 265 11.84 -11.15 -10.15
CA ASP B 265 12.28 -10.68 -8.85
C ASP B 265 13.42 -9.67 -8.97
N THR B 266 14.33 -9.95 -9.89
CA THR B 266 15.46 -9.08 -10.16
C THR B 266 14.98 -7.78 -10.80
N LEU B 267 14.03 -7.88 -11.72
CA LEU B 267 13.48 -6.67 -12.34
C LEU B 267 12.89 -5.73 -11.27
N MET B 268 12.08 -6.29 -10.38
CA MET B 268 11.44 -5.50 -9.33
C MET B 268 12.40 -4.94 -8.27
N ASN B 269 13.47 -5.69 -7.97
CA ASN B 269 14.41 -5.25 -6.94
C ASN B 269 15.63 -4.49 -7.40
N LYS B 270 16.04 -4.68 -8.64
CA LYS B 270 17.25 -4.02 -9.10
C LYS B 270 17.14 -3.10 -10.31
N LYS B 271 16.08 -3.25 -11.09
CA LYS B 271 15.95 -2.40 -12.26
C LYS B 271 14.80 -1.43 -12.18
N SER B 272 14.19 -1.32 -11.00
CA SER B 272 13.04 -0.44 -10.86
C SER B 272 13.35 0.78 -10.03
N GLY B 273 12.36 1.30 -9.30
CA GLY B 273 12.60 2.47 -8.47
C GLY B 273 12.96 3.73 -9.28
N VAL B 274 13.66 4.67 -8.67
CA VAL B 274 14.00 5.86 -9.43
C VAL B 274 15.00 5.54 -10.57
N LEU B 275 15.76 4.45 -10.45
CA LEU B 275 16.68 4.06 -11.50
C LEU B 275 15.84 3.68 -12.73
N GLY B 276 14.84 2.82 -12.53
CA GLY B 276 14.00 2.38 -13.62
C GLY B 276 13.21 3.44 -14.34
N VAL B 277 12.74 4.45 -13.59
CA VAL B 277 11.96 5.54 -14.13
C VAL B 277 12.87 6.56 -14.85
N SER B 278 13.97 6.94 -14.19
CA SER B 278 14.88 7.93 -14.76
C SER B 278 15.72 7.42 -15.92
N GLY B 279 16.04 6.12 -15.93
CA GLY B 279 16.88 5.58 -16.98
C GLY B 279 18.28 6.11 -16.72
N LEU B 280 18.47 6.81 -15.61
CA LEU B 280 19.75 7.42 -15.31
C LEU B 280 20.57 6.88 -14.13
N SER B 281 20.03 6.95 -12.92
CA SER B 281 20.78 6.50 -11.76
C SER B 281 19.87 6.13 -10.60
N ASN B 282 20.44 5.46 -9.59
CA ASN B 282 19.69 5.14 -8.39
C ASN B 282 20.21 6.07 -7.28
N ASP B 283 21.02 7.05 -7.66
CA ASP B 283 21.58 7.98 -6.70
C ASP B 283 20.78 9.28 -6.72
N PHE B 284 20.13 9.59 -5.60
CA PHE B 284 19.29 10.77 -5.52
C PHE B 284 20.02 12.07 -5.72
N ARG B 285 21.32 12.12 -5.42
CA ARG B 285 22.11 13.34 -5.66
C ARG B 285 22.19 13.56 -7.16
N ASP B 286 22.57 12.52 -7.89
CA ASP B 286 22.65 12.61 -9.35
C ASP B 286 21.32 13.00 -9.97
N LEU B 287 20.21 12.43 -9.49
CA LEU B 287 18.91 12.75 -10.06
C LEU B 287 18.54 14.20 -9.80
N ASP B 288 18.82 14.66 -8.59
CA ASP B 288 18.51 16.03 -8.21
C ASP B 288 19.22 17.03 -9.15
N GLU B 289 20.50 16.81 -9.42
CA GLU B 289 21.20 17.70 -10.33
C GLU B 289 20.59 17.56 -11.71
N ALA B 290 20.45 16.32 -12.17
CA ALA B 290 19.90 16.08 -13.51
C ALA B 290 18.54 16.73 -13.68
N ALA B 291 17.72 16.65 -12.65
CA ALA B 291 16.39 17.25 -12.74
C ALA B 291 16.51 18.77 -12.92
N SER B 292 17.38 19.41 -12.16
CA SER B 292 17.54 20.87 -12.30
C SER B 292 18.05 21.25 -13.69
N LYS B 293 19.00 20.48 -14.21
CA LYS B 293 19.56 20.74 -15.55
C LYS B 293 18.51 20.42 -16.61
N GLY B 294 17.27 20.23 -16.19
CA GLY B 294 16.18 19.92 -17.13
C GLY B 294 15.89 18.49 -17.59
N ASN B 295 16.46 17.48 -16.92
CA ASN B 295 16.21 16.10 -17.34
C ASN B 295 14.83 15.63 -16.85
N ARG B 296 13.86 15.51 -17.77
CA ARG B 296 12.49 15.12 -17.46
C ARG B 296 12.28 13.80 -16.72
N LYS B 297 12.94 12.74 -17.17
CA LYS B 297 12.80 11.46 -16.53
C LYS B 297 13.28 11.57 -15.10
N ALA B 298 14.36 12.31 -14.88
CA ALA B 298 14.89 12.44 -13.52
C ALA B 298 13.89 13.21 -12.64
N GLU B 299 13.25 14.22 -13.21
CA GLU B 299 12.27 15.05 -12.53
C GLU B 299 11.04 14.22 -12.15
N LEU B 300 10.63 13.36 -13.07
CA LEU B 300 9.50 12.49 -12.85
C LEU B 300 9.82 11.48 -11.74
N ALA B 301 11.04 10.93 -11.74
CA ALA B 301 11.41 9.96 -10.74
C ALA B 301 11.41 10.59 -9.34
N LEU B 302 11.86 11.83 -9.22
CA LEU B 302 11.86 12.46 -7.93
C LEU B 302 10.43 12.83 -7.52
N GLU B 303 9.57 13.14 -8.48
CA GLU B 303 8.20 13.48 -8.13
C GLU B 303 7.46 12.28 -7.58
N ILE B 304 7.67 11.14 -8.25
CA ILE B 304 7.04 9.91 -7.84
C ILE B 304 7.53 9.54 -6.44
N PHE B 305 8.85 9.64 -6.25
CA PHE B 305 9.42 9.30 -4.97
C PHE B 305 8.87 10.18 -3.82
N ALA B 306 8.89 11.51 -4.00
CA ALA B 306 8.42 12.41 -2.94
C ALA B 306 6.92 12.25 -2.70
N TYR B 307 6.18 12.05 -3.79
CA TYR B 307 4.73 11.91 -3.67
C TYR B 307 4.36 10.68 -2.81
N LYS B 308 5.06 9.58 -3.01
CA LYS B 308 4.76 8.40 -2.24
C LYS B 308 5.08 8.60 -0.76
N VAL B 309 6.13 9.36 -0.45
CA VAL B 309 6.44 9.55 0.97
C VAL B 309 5.34 10.40 1.57
N LYS B 310 4.90 11.40 0.80
CA LYS B 310 3.83 12.29 1.25
C LYS B 310 2.57 11.47 1.59
N LYS B 311 2.23 10.52 0.72
CA LYS B 311 1.06 9.71 0.94
C LYS B 311 1.16 8.87 2.21
N PHE B 312 2.34 8.32 2.48
CA PHE B 312 2.51 7.52 3.68
C PHE B 312 2.33 8.37 4.96
N ILE B 313 2.70 9.65 4.89
CA ILE B 313 2.53 10.51 6.04
C ILE B 313 1.02 10.63 6.28
N GLY B 314 0.23 10.72 5.20
CA GLY B 314 -1.21 10.82 5.37
C GLY B 314 -1.73 9.51 5.97
N GLU B 315 -1.27 8.41 5.39
CA GLU B 315 -1.69 7.07 5.80
C GLU B 315 -1.45 6.79 7.29
N TYR B 316 -0.24 7.08 7.75
CA TYR B 316 0.07 6.86 9.16
C TYR B 316 -0.53 7.91 10.10
N SER B 317 -0.98 9.03 9.55
CA SER B 317 -1.67 10.04 10.38
C SER B 317 -3.03 9.43 10.75
N ALA B 318 -3.63 8.66 9.84
CA ALA B 318 -4.90 7.99 10.17
C ALA B 318 -4.64 6.83 11.14
N VAL B 319 -3.56 6.06 10.90
CA VAL B 319 -3.24 4.93 11.75
C VAL B 319 -3.05 5.40 13.20
N LEU B 320 -2.29 6.46 13.38
CA LEU B 320 -2.00 7.01 14.69
C LEU B 320 -3.08 7.96 15.26
N ASN B 321 -4.10 8.29 14.47
CA ASN B 321 -5.13 9.24 14.88
C ASN B 321 -4.52 10.62 15.21
N GLY B 322 -3.72 11.14 14.30
CA GLY B 322 -3.05 12.41 14.51
C GLY B 322 -1.66 12.13 15.08
N ALA B 323 -0.61 12.58 14.41
CA ALA B 323 0.74 12.35 14.89
C ALA B 323 1.29 13.61 15.58
N ASP B 324 2.24 13.46 16.50
CA ASP B 324 2.83 14.61 17.17
C ASP B 324 4.01 15.11 16.33
N ALA B 325 4.69 14.19 15.65
CA ALA B 325 5.84 14.57 14.85
C ALA B 325 6.17 13.59 13.74
N VAL B 326 6.86 14.11 12.74
CA VAL B 326 7.33 13.33 11.60
C VAL B 326 8.84 13.46 11.67
N VAL B 327 9.55 12.34 11.50
CA VAL B 327 10.99 12.35 11.55
C VAL B 327 11.64 11.90 10.24
N PHE B 328 12.68 12.61 9.83
CA PHE B 328 13.41 12.28 8.61
C PHE B 328 14.81 11.85 9.00
N THR B 329 15.27 10.74 8.44
CA THR B 329 16.58 10.24 8.76
C THR B 329 17.14 9.46 7.57
N ALA B 330 18.37 8.97 7.73
CA ALA B 330 19.12 8.23 6.70
C ALA B 330 19.63 9.16 5.58
N GLY B 331 20.40 8.60 4.65
CA GLY B 331 21.02 9.36 3.56
C GLY B 331 20.26 10.52 2.94
N ILE B 332 19.09 10.24 2.39
CA ILE B 332 18.26 11.26 1.78
C ILE B 332 17.58 12.12 2.86
N GLY B 333 16.99 11.48 3.85
CA GLY B 333 16.29 12.21 4.90
C GLY B 333 17.12 13.21 5.67
N GLU B 334 18.37 12.88 5.94
CA GLU B 334 19.27 13.76 6.68
C GLU B 334 19.93 14.84 5.84
N ASN B 335 20.20 14.53 4.58
CA ASN B 335 20.93 15.45 3.73
C ASN B 335 20.25 16.24 2.64
N SER B 336 19.11 15.78 2.17
CA SER B 336 18.47 16.50 1.09
C SER B 336 17.37 17.46 1.46
N ALA B 337 17.75 18.73 1.53
CA ALA B 337 16.78 19.79 1.83
C ALA B 337 15.74 19.86 0.70
N SER B 338 16.17 19.69 -0.54
CA SER B 338 15.22 19.79 -1.65
C SER B 338 14.24 18.64 -1.69
N ILE B 339 14.70 17.42 -1.41
CA ILE B 339 13.75 16.32 -1.44
C ILE B 339 12.78 16.49 -0.24
N ARG B 340 13.27 16.96 0.91
CA ARG B 340 12.35 17.17 2.04
C ARG B 340 11.29 18.21 1.67
N LYS B 341 11.70 19.21 0.90
CA LYS B 341 10.81 20.28 0.47
C LYS B 341 9.73 19.69 -0.44
N ARG B 342 10.12 18.86 -1.42
CA ARG B 342 9.14 18.25 -2.33
C ARG B 342 8.14 17.42 -1.53
N ILE B 343 8.62 16.72 -0.52
CA ILE B 343 7.76 15.87 0.29
C ILE B 343 6.81 16.62 1.18
N LEU B 344 7.30 17.68 1.83
CA LEU B 344 6.50 18.42 2.79
C LEU B 344 5.66 19.59 2.29
N THR B 345 5.67 19.85 0.99
CA THR B 345 4.88 20.94 0.45
C THR B 345 3.43 20.48 0.31
N GLY B 346 2.49 21.35 0.65
CA GLY B 346 1.09 21.01 0.52
C GLY B 346 0.51 20.12 1.60
N LEU B 347 0.99 20.28 2.83
CA LEU B 347 0.48 19.46 3.92
C LEU B 347 0.01 20.29 5.09
N ASP B 348 -0.05 21.61 4.91
CA ASP B 348 -0.49 22.48 6.00
C ASP B 348 -1.91 22.08 6.38
N GLY B 349 -2.66 21.57 5.40
CA GLY B 349 -4.01 21.13 5.67
C GLY B 349 -4.08 20.07 6.77
N ILE B 350 -2.98 19.36 7.02
CA ILE B 350 -2.99 18.35 8.08
C ILE B 350 -2.01 18.70 9.20
N GLY B 351 -1.74 20.01 9.33
CA GLY B 351 -0.89 20.51 10.39
C GLY B 351 0.60 20.53 10.17
N ILE B 352 1.04 20.31 8.94
CA ILE B 352 2.47 20.29 8.68
C ILE B 352 2.91 21.50 7.86
N LYS B 353 3.83 22.26 8.41
CA LYS B 353 4.33 23.46 7.74
C LYS B 353 5.79 23.61 8.14
N ILE B 354 6.68 23.75 7.17
CA ILE B 354 8.09 23.91 7.50
C ILE B 354 8.69 25.28 7.17
N ASP B 355 9.83 25.54 7.78
CA ASP B 355 10.58 26.77 7.59
C ASP B 355 11.71 26.50 6.59
N ASP B 356 11.62 27.11 5.41
CA ASP B 356 12.61 26.88 4.34
C ASP B 356 14.03 27.13 4.74
N GLU B 357 14.24 28.10 5.62
CA GLU B 357 15.61 28.39 6.04
C GLU B 357 16.12 27.32 7.01
N LYS B 358 15.29 26.88 7.97
CA LYS B 358 15.73 25.87 8.91
C LYS B 358 15.97 24.56 8.19
N ASN B 359 15.21 24.34 7.12
CA ASN B 359 15.34 23.13 6.33
C ASN B 359 16.67 23.01 5.57
N LYS B 360 17.47 24.08 5.57
CA LYS B 360 18.77 24.09 4.87
C LYS B 360 19.91 23.59 5.73
N ILE B 361 19.71 23.62 7.04
CA ILE B 361 20.71 23.17 7.99
C ILE B 361 20.99 21.70 7.75
N ARG B 362 22.19 21.25 8.04
CA ARG B 362 22.55 19.85 7.81
C ARG B 362 23.32 19.21 8.96
N GLY B 363 23.20 17.89 9.05
CA GLY B 363 23.90 17.13 10.07
C GLY B 363 23.60 17.55 11.48
N GLN B 364 22.34 17.58 11.83
CA GLN B 364 21.98 17.96 13.17
C GLN B 364 20.57 17.60 13.50
N GLU B 365 20.31 17.37 14.77
CA GLU B 365 18.96 17.10 15.17
C GLU B 365 18.35 18.48 15.21
N ILE B 366 17.29 18.68 14.44
CA ILE B 366 16.67 19.98 14.41
C ILE B 366 15.20 19.92 14.03
N ASP B 367 14.40 20.82 14.62
CA ASP B 367 12.99 20.93 14.33
C ASP B 367 12.98 21.95 13.18
N ILE B 368 12.41 21.57 12.03
CA ILE B 368 12.40 22.47 10.88
C ILE B 368 11.01 23.01 10.60
N SER B 369 10.10 22.82 11.55
CA SER B 369 8.75 23.29 11.33
C SER B 369 8.61 24.71 11.80
N THR B 370 7.59 25.39 11.33
CA THR B 370 7.31 26.74 11.77
C THR B 370 6.83 26.54 13.23
N PRO B 371 6.98 27.56 14.08
CA PRO B 371 6.55 27.41 15.48
C PRO B 371 5.06 27.23 15.70
N ASP B 372 4.25 27.60 14.71
CA ASP B 372 2.81 27.45 14.86
C ASP B 372 2.24 26.14 14.31
N ALA B 373 3.06 25.35 13.63
CA ALA B 373 2.60 24.08 13.05
C ALA B 373 2.16 23.11 14.15
N LYS B 374 1.06 22.39 13.92
CA LYS B 374 0.55 21.46 14.91
C LYS B 374 1.48 20.23 15.00
N VAL B 375 1.98 19.79 13.86
CA VAL B 375 2.86 18.64 13.79
C VAL B 375 4.32 19.07 13.64
N ARG B 376 5.19 18.60 14.52
CA ARG B 376 6.60 18.97 14.44
C ARG B 376 7.27 18.10 13.38
N VAL B 377 8.26 18.64 12.69
CA VAL B 377 9.02 17.87 11.72
C VAL B 377 10.48 17.90 12.15
N PHE B 378 11.03 16.77 12.55
CA PHE B 378 12.42 16.77 13.01
C PHE B 378 13.34 16.09 12.01
N VAL B 379 14.58 16.58 11.88
CA VAL B 379 15.58 15.92 11.04
C VAL B 379 16.50 15.32 12.12
N ILE B 380 16.65 14.01 12.12
CA ILE B 380 17.45 13.32 13.11
C ILE B 380 18.40 12.31 12.50
N PRO B 381 19.71 12.58 12.58
CA PRO B 381 20.70 11.64 12.02
C PRO B 381 20.54 10.30 12.74
N THR B 382 20.55 9.21 11.99
CA THR B 382 20.41 7.89 12.61
C THR B 382 21.87 7.40 12.88
N ASN B 383 22.14 6.72 14.00
CA ASN B 383 23.50 6.26 14.25
C ASN B 383 23.41 4.74 14.50
N GLU B 384 23.64 3.94 13.45
CA GLU B 384 23.50 2.50 13.52
C GLU B 384 24.26 1.83 14.67
N GLU B 385 25.57 2.04 14.71
CA GLU B 385 26.42 1.45 15.74
C GLU B 385 25.97 1.77 17.15
N LEU B 386 25.65 3.04 17.42
CA LEU B 386 25.20 3.46 18.74
C LEU B 386 23.86 2.80 19.12
N ALA B 387 22.98 2.67 18.14
CA ALA B 387 21.66 2.06 18.36
C ALA B 387 21.81 0.60 18.77
N ILE B 388 22.76 -0.08 18.11
CA ILE B 388 23.05 -1.49 18.37
C ILE B 388 23.67 -1.63 19.75
N ALA B 389 24.46 -0.65 20.15
CA ALA B 389 25.09 -0.67 21.46
C ALA B 389 24.04 -0.42 22.55
N ARG B 390 23.11 0.49 22.31
CA ARG B 390 22.05 0.75 23.30
C ARG B 390 21.24 -0.54 23.48
N GLU B 391 20.90 -1.19 22.37
CA GLU B 391 20.16 -2.43 22.41
C GLU B 391 20.91 -3.46 23.24
N THR B 392 22.22 -3.54 23.01
CA THR B 392 23.08 -4.49 23.70
C THR B 392 23.12 -4.25 25.20
N LYS B 393 23.26 -2.99 25.58
CA LYS B 393 23.29 -2.57 26.97
C LYS B 393 21.93 -2.90 27.65
N GLU B 394 20.83 -2.60 26.98
CA GLU B 394 19.51 -2.88 27.54
C GLU B 394 19.39 -4.37 27.89
N ILE B 395 19.70 -5.25 26.93
CA ILE B 395 19.64 -6.70 27.14
C ILE B 395 20.62 -7.16 28.23
N VAL B 396 21.89 -6.78 28.10
CA VAL B 396 22.87 -7.16 29.07
C VAL B 396 22.52 -6.65 30.47
N GLU B 397 21.71 -5.61 30.56
CA GLU B 397 21.32 -5.08 31.87
C GLU B 397 20.17 -5.88 32.48
N THR B 398 19.01 -5.78 31.85
CA THR B 398 17.83 -6.50 32.30
C THR B 398 18.03 -8.02 32.38
#